data_4C21
#
_entry.id   4C21
#
_cell.length_a   152.850
_cell.length_b   152.850
_cell.length_c   408.330
_cell.angle_alpha   90.00
_cell.angle_beta   90.00
_cell.angle_gamma   120.00
#
_symmetry.space_group_name_H-M   'H 3 2'
#
loop_
_entity.id
_entity.type
_entity.pdbx_description
1 polymer 'L-FUCOSE ISOMERASE'
2 non-polymer 'MANGANESE (II) ION'
3 non-polymer FUCITOL
4 non-polymer 1,2-ETHANEDIOL
5 water water
#
_entity_poly.entity_id   1
_entity_poly.type   'polypeptide(L)'
_entity_poly.pdbx_seq_one_letter_code
;HHHHHSSGLVPRGAHMAMIQHPRIGIRPTIDGRRQGVRESLEVQTMNMAKSVADLISSTLKYPDGEPVECVISPSTIGRV
PEAAASHELFKKSNVCATITVTPCWCYGSETMDMSPDIPHAIWGFNGTERPGAVYLAAVLASHAQKGIPAFGIYGRDVQE
ASDTDIPEDVKEKLLRYARAALATGLMRDTAYLSMGSVSMGIGGSIVNPDFFQEYLGMRNESVDMTEFTRRMDRGIYDPE
EFERALKWVKENVKEGFDHNREDLVLSREEKDRQWEFVIKMFMIGRDLMVGNPRLAELGFEEEAVGHHALVAGFQGQRQW
TDHFPNGDFMETFLNTQFDWNGIRKPFVFATENDSLNGVSMLFNYLLTNTPQIFADVRTYWSPEAVKRVTGHTLEGRAAA
GFLHLINSGSCTLDGTGQATRDGKPIMKPFWELEESEVQAMLENTDFPPANREYFRGGGFSTRFLTKGDMPVTMVRLNLL
KGVGPVLQIAEGYTLELPEDVHHTLDNRTDPGWPTTWFAPRLTGKGAFKSVYDVMNNWGANHGAITYGHIGADLITLASM
LRIPVNMHNVPEEDIFRPKNWSLFGTEDLESADYRACQLLGPLHK
;
_entity_poly.pdbx_strand_id   A,B
#
loop_
_chem_comp.id
_chem_comp.type
_chem_comp.name
_chem_comp.formula
EDO non-polymer 1,2-ETHANEDIOL 'C2 H6 O2'
FOC non-polymer FUCITOL 'C6 H14 O5'
MN non-polymer 'MANGANESE (II) ION' 'Mn 2'
#
# COMPACT_ATOMS: atom_id res chain seq x y z
N ILE A 19 -1.37 -23.33 -13.62
CA ILE A 19 -1.25 -24.28 -12.45
C ILE A 19 0.08 -25.06 -12.40
N GLN A 20 0.91 -24.72 -11.41
CA GLN A 20 2.19 -25.40 -11.21
C GLN A 20 1.98 -26.84 -10.70
N HIS A 21 3.00 -27.68 -10.85
CA HIS A 21 2.97 -29.02 -10.25
C HIS A 21 4.06 -29.23 -9.20
N PRO A 22 3.93 -28.57 -8.03
CA PRO A 22 4.98 -28.74 -7.01
C PRO A 22 5.05 -30.20 -6.53
N ARG A 23 6.26 -30.71 -6.30
CA ARG A 23 6.40 -32.11 -5.85
C ARG A 23 6.65 -32.25 -4.36
N ILE A 24 6.40 -33.45 -3.85
CA ILE A 24 6.86 -33.79 -2.52
C ILE A 24 8.07 -34.69 -2.63
N GLY A 25 9.14 -34.35 -1.91
CA GLY A 25 10.37 -35.13 -1.94
C GLY A 25 10.39 -36.12 -0.81
N ILE A 26 10.53 -37.41 -1.15
CA ILE A 26 10.57 -38.47 -0.16
C ILE A 26 12.03 -38.87 0.02
N ARG A 27 12.52 -38.81 1.27
CA ARG A 27 13.93 -39.08 1.59
C ARG A 27 14.01 -40.28 2.51
N PRO A 28 14.55 -41.40 2.00
CA PRO A 28 14.62 -42.62 2.81
C PRO A 28 15.98 -42.68 3.51
N THR A 29 16.01 -42.51 4.83
CA THR A 29 17.27 -42.52 5.55
C THR A 29 17.49 -43.87 6.19
N ILE A 30 18.77 -44.19 6.37
CA ILE A 30 19.17 -45.55 6.73
C ILE A 30 20.42 -45.49 7.57
N ASP A 31 20.63 -46.51 8.41
CA ASP A 31 21.91 -46.76 9.09
C ASP A 31 23.03 -46.92 8.06
N GLY A 32 24.11 -46.15 8.20
CA GLY A 32 25.23 -46.24 7.27
C GLY A 32 26.18 -47.45 7.36
N ARG A 33 26.19 -48.15 8.50
CA ARG A 33 27.03 -49.36 8.74
C ARG A 33 26.74 -50.53 7.76
N ARG A 34 27.75 -50.98 7.04
CA ARG A 34 27.56 -52.11 6.14
C ARG A 34 28.00 -53.45 6.73
N GLN A 35 28.37 -54.41 5.87
CA GLN A 35 28.69 -55.79 6.32
C GLN A 35 27.55 -56.35 7.17
N GLY A 36 26.31 -56.14 6.73
CA GLY A 36 25.15 -56.59 7.52
C GLY A 36 24.01 -55.59 7.63
N VAL A 37 24.18 -54.62 8.54
CA VAL A 37 23.08 -53.79 9.00
C VAL A 37 22.37 -53.08 7.86
N ARG A 38 23.15 -52.38 7.03
CA ARG A 38 22.59 -51.51 6.00
C ARG A 38 21.86 -52.30 4.90
N GLU A 39 22.49 -53.37 4.45
CA GLU A 39 21.97 -54.17 3.33
C GLU A 39 20.69 -54.88 3.74
N SER A 40 20.60 -55.28 5.01
CA SER A 40 19.38 -55.86 5.53
C SER A 40 18.19 -54.90 5.62
N LEU A 41 18.45 -53.60 5.69
CA LEU A 41 17.38 -52.62 5.89
C LEU A 41 17.00 -51.89 4.60
N GLU A 42 17.76 -52.12 3.56
CA GLU A 42 17.55 -51.38 2.33
C GLU A 42 16.12 -51.51 1.82
N VAL A 43 15.64 -52.74 1.73
CA VAL A 43 14.37 -52.95 1.05
C VAL A 43 13.22 -52.38 1.87
N GLN A 44 13.23 -52.63 3.17
CA GLN A 44 12.19 -52.15 4.05
C GLN A 44 12.15 -50.60 4.11
N THR A 45 13.33 -49.98 3.99
CA THR A 45 13.48 -48.54 4.04
C THR A 45 12.95 -47.96 2.74
N MET A 46 13.44 -48.48 1.61
CA MET A 46 12.93 -48.04 0.32
C MET A 46 11.39 -48.25 0.18
N ASN A 47 10.85 -49.22 0.90
CA ASN A 47 9.45 -49.51 0.85
C ASN A 47 8.65 -48.42 1.53
N MET A 48 9.19 -47.90 2.64
CA MET A 48 8.50 -46.82 3.30
C MET A 48 8.37 -45.62 2.37
N ALA A 49 9.43 -45.33 1.63
CA ALA A 49 9.38 -44.24 0.67
C ALA A 49 8.28 -44.49 -0.35
N LYS A 50 8.29 -45.68 -0.93
CA LYS A 50 7.34 -46.02 -1.99
C LYS A 50 5.89 -45.99 -1.52
N SER A 51 5.62 -46.45 -0.30
CA SER A 51 4.27 -46.39 0.22
C SER A 51 3.75 -44.96 0.35
N VAL A 52 4.58 -44.10 0.98
CA VAL A 52 4.28 -42.68 1.08
C VAL A 52 4.04 -42.05 -0.30
N ALA A 53 4.92 -42.27 -1.28
CA ALA A 53 4.69 -41.75 -2.62
C ALA A 53 3.31 -42.18 -3.15
N ASP A 54 2.97 -43.47 -2.96
CA ASP A 54 1.71 -44.04 -3.46
C ASP A 54 0.54 -43.45 -2.72
N LEU A 55 0.69 -43.31 -1.41
CA LEU A 55 -0.40 -42.77 -0.62
C LEU A 55 -0.73 -41.38 -1.12
N ILE A 56 0.29 -40.57 -1.37
CA ILE A 56 0.04 -39.19 -1.69
C ILE A 56 -0.47 -39.07 -3.12
N SER A 57 0.15 -39.82 -4.04
CA SER A 57 -0.10 -39.68 -5.47
C SER A 57 -1.45 -40.29 -5.87
N SER A 58 -1.88 -41.28 -5.11
CA SER A 58 -3.17 -41.87 -5.40
C SER A 58 -4.32 -41.16 -4.67
N THR A 59 -4.02 -40.26 -3.72
CA THR A 59 -5.05 -39.65 -2.89
C THR A 59 -5.21 -38.18 -3.19
N LEU A 60 -4.15 -37.47 -3.57
CA LEU A 60 -4.29 -36.02 -3.75
C LEU A 60 -4.13 -35.57 -5.19
N LYS A 61 -4.67 -34.39 -5.50
CA LYS A 61 -4.68 -33.91 -6.87
C LYS A 61 -4.42 -32.43 -6.85
N TYR A 62 -3.83 -31.93 -7.93
CA TYR A 62 -3.62 -30.51 -8.07
C TYR A 62 -4.91 -29.83 -8.46
N PRO A 63 -4.99 -28.52 -8.27
CA PRO A 63 -6.17 -27.77 -8.69
C PRO A 63 -6.69 -28.12 -10.09
N ASP A 64 -5.89 -28.77 -10.92
CA ASP A 64 -6.27 -29.00 -12.30
C ASP A 64 -6.75 -30.44 -12.47
N GLY A 65 -6.82 -31.19 -11.39
CA GLY A 65 -7.36 -32.53 -11.50
C GLY A 65 -6.34 -33.64 -11.57
N GLU A 66 -5.11 -33.29 -11.96
CA GLU A 66 -4.02 -34.29 -12.12
C GLU A 66 -3.47 -34.81 -10.80
N PRO A 67 -3.06 -36.07 -10.76
CA PRO A 67 -2.53 -36.62 -9.51
C PRO A 67 -1.24 -35.93 -9.04
N VAL A 68 -1.14 -35.67 -7.74
CA VAL A 68 0.10 -35.12 -7.17
C VAL A 68 1.34 -35.98 -7.47
N GLU A 69 2.46 -35.32 -7.72
CA GLU A 69 3.70 -35.99 -8.08
C GLU A 69 4.72 -35.98 -6.95
N CYS A 70 5.41 -37.10 -6.75
CA CYS A 70 6.48 -37.19 -5.74
C CYS A 70 7.84 -37.55 -6.38
N VAL A 71 8.92 -37.28 -5.65
CA VAL A 71 10.25 -37.67 -6.05
C VAL A 71 10.90 -38.35 -4.88
N ILE A 72 11.57 -39.47 -5.13
CA ILE A 72 12.37 -40.14 -4.10
C ILE A 72 13.84 -39.84 -4.34
N SER A 73 14.60 -39.72 -3.25
CA SER A 73 16.04 -39.54 -3.33
C SER A 73 16.60 -40.62 -4.23
N PRO A 74 17.66 -40.28 -4.98
CA PRO A 74 18.26 -41.27 -5.89
C PRO A 74 18.81 -42.54 -5.19
N SER A 75 18.87 -42.56 -3.86
CA SER A 75 19.21 -43.77 -3.11
C SER A 75 18.84 -43.56 -1.64
N THR A 76 19.00 -44.60 -0.81
CA THR A 76 18.83 -44.39 0.61
C THR A 76 19.98 -43.51 1.12
N ILE A 77 19.70 -42.81 2.22
CA ILE A 77 20.61 -41.80 2.76
C ILE A 77 21.21 -42.28 4.08
N GLY A 78 22.49 -42.68 4.03
CA GLY A 78 23.20 -43.12 5.23
C GLY A 78 24.35 -42.22 5.65
N ARG A 79 24.89 -41.46 4.70
CA ARG A 79 25.97 -40.52 4.94
C ARG A 79 25.78 -39.24 4.12
N VAL A 80 26.52 -38.20 4.49
CA VAL A 80 26.24 -36.88 3.99
C VAL A 80 26.24 -36.80 2.46
N PRO A 81 27.10 -37.56 1.77
CA PRO A 81 27.17 -37.33 0.31
C PRO A 81 25.93 -37.84 -0.39
N GLU A 82 25.24 -38.77 0.26
CA GLU A 82 23.92 -39.19 -0.21
C GLU A 82 22.85 -38.10 0.02
N ALA A 83 22.93 -37.43 1.18
CA ALA A 83 22.09 -36.26 1.45
C ALA A 83 22.30 -35.17 0.37
N ALA A 84 23.56 -34.95 0.01
CA ALA A 84 23.95 -33.99 -1.00
C ALA A 84 23.35 -34.38 -2.34
N ALA A 85 23.34 -35.67 -2.63
CA ALA A 85 22.82 -36.09 -3.92
C ALA A 85 21.29 -35.90 -3.90
N SER A 86 20.65 -36.30 -2.83
CA SER A 86 19.22 -36.06 -2.70
C SER A 86 18.90 -34.58 -2.96
N HIS A 87 19.67 -33.69 -2.32
CA HIS A 87 19.46 -32.26 -2.43
C HIS A 87 19.68 -31.76 -3.87
N GLU A 88 20.71 -32.28 -4.53
CA GLU A 88 20.96 -31.96 -5.92
C GLU A 88 19.74 -32.28 -6.80
N LEU A 89 19.13 -33.44 -6.57
CA LEU A 89 18.02 -33.88 -7.42
C LEU A 89 16.76 -33.06 -7.14
N PHE A 90 16.40 -32.91 -5.86
CA PHE A 90 15.23 -32.15 -5.44
C PHE A 90 15.32 -30.70 -5.95
N LYS A 91 16.53 -30.12 -5.95
CA LYS A 91 16.73 -28.75 -6.44
C LYS A 91 16.22 -28.55 -7.87
N LYS A 92 16.32 -29.58 -8.70
CA LYS A 92 15.87 -29.43 -10.07
C LYS A 92 14.52 -30.09 -10.35
N SER A 93 13.83 -30.52 -9.29
CA SER A 93 12.61 -31.30 -9.43
C SER A 93 11.38 -30.58 -8.87
N ASN A 94 11.57 -29.29 -8.53
CA ASN A 94 10.50 -28.41 -8.11
C ASN A 94 9.79 -28.93 -6.81
N VAL A 95 10.60 -29.40 -5.89
CA VAL A 95 10.17 -30.00 -4.66
C VAL A 95 9.77 -28.89 -3.71
N CYS A 96 8.59 -28.97 -3.12
CA CYS A 96 8.07 -27.88 -2.29
C CYS A 96 8.05 -28.26 -0.80
N ALA A 97 8.40 -29.50 -0.47
CA ALA A 97 8.37 -29.98 0.91
C ALA A 97 9.03 -31.36 0.97
N THR A 98 9.48 -31.81 2.13
CA THR A 98 10.06 -33.13 2.17
C THR A 98 9.44 -34.00 3.22
N ILE A 99 9.54 -35.31 2.97
CA ILE A 99 9.19 -36.33 3.96
C ILE A 99 10.33 -37.33 4.05
N THR A 100 10.92 -37.42 5.23
CA THR A 100 11.94 -38.39 5.48
C THR A 100 11.24 -39.60 6.09
N VAL A 101 11.63 -40.78 5.65
CA VAL A 101 11.10 -42.03 6.23
C VAL A 101 12.25 -42.97 6.62
N THR A 102 12.10 -43.66 7.75
CA THR A 102 13.12 -44.58 8.19
C THR A 102 12.53 -45.60 9.15
N PRO A 103 13.04 -46.84 9.14
CA PRO A 103 12.78 -47.87 10.14
C PRO A 103 13.89 -48.05 11.15
N CYS A 104 15.04 -47.44 10.90
CA CYS A 104 16.21 -47.71 11.75
C CYS A 104 16.79 -46.45 12.35
N TRP A 105 17.83 -46.62 13.16
CA TRP A 105 18.72 -45.52 13.56
C TRP A 105 19.49 -44.98 12.34
N CYS A 106 19.66 -43.66 12.27
CA CYS A 106 20.49 -43.02 11.22
C CYS A 106 21.20 -41.86 11.87
N TYR A 107 22.22 -41.33 11.19
CA TYR A 107 23.13 -40.34 11.78
C TYR A 107 22.65 -38.89 11.69
N GLY A 108 21.62 -38.57 12.48
CA GLY A 108 20.98 -37.25 12.53
C GLY A 108 21.41 -36.14 11.57
N SER A 109 22.35 -35.31 12.01
CA SER A 109 22.69 -34.13 11.22
C SER A 109 23.39 -34.45 9.89
N GLU A 110 23.97 -35.66 9.77
CA GLU A 110 24.55 -36.14 8.49
C GLU A 110 23.48 -36.47 7.45
N THR A 111 22.26 -36.76 7.89
CA THR A 111 21.21 -37.27 6.97
C THR A 111 20.06 -36.28 6.78
N MET A 112 20.01 -35.24 7.63
CA MET A 112 18.89 -34.28 7.64
C MET A 112 18.88 -33.34 6.41
N ASP A 113 17.68 -32.90 6.03
CA ASP A 113 17.55 -31.88 5.01
C ASP A 113 17.72 -30.48 5.60
N MET A 114 18.58 -29.66 4.99
CA MET A 114 18.86 -28.32 5.54
C MET A 114 18.02 -27.18 4.92
N SER A 115 17.16 -27.49 3.95
CA SER A 115 16.45 -26.43 3.19
C SER A 115 15.60 -25.64 4.18
N PRO A 116 15.87 -24.34 4.32
CA PRO A 116 15.17 -23.50 5.33
C PRO A 116 13.82 -22.94 4.81
N ASP A 117 13.58 -23.02 3.50
CA ASP A 117 12.48 -22.28 2.89
C ASP A 117 11.27 -23.18 2.59
N ILE A 118 11.28 -24.43 3.04
CA ILE A 118 10.18 -25.37 2.77
C ILE A 118 9.86 -26.24 4.01
N PRO A 119 8.64 -26.73 4.08
CA PRO A 119 8.38 -27.58 5.23
C PRO A 119 9.10 -28.95 5.14
N HIS A 120 9.24 -29.62 6.30
CA HIS A 120 9.76 -30.99 6.39
C HIS A 120 8.97 -31.83 7.36
N ALA A 121 8.94 -33.13 7.09
CA ALA A 121 8.31 -34.10 8.01
C ALA A 121 9.15 -35.34 8.04
N ILE A 122 9.18 -35.96 9.22
CA ILE A 122 9.91 -37.18 9.43
C ILE A 122 8.90 -38.18 9.94
N TRP A 123 8.78 -39.30 9.21
CA TRP A 123 8.03 -40.47 9.68
C TRP A 123 9.02 -41.55 10.09
N GLY A 124 9.07 -41.82 11.38
CA GLY A 124 9.85 -42.93 11.92
C GLY A 124 8.96 -44.09 12.26
N PHE A 125 9.22 -45.25 11.64
CA PHE A 125 8.46 -46.48 11.83
C PHE A 125 8.41 -46.82 13.32
N ASN A 126 7.24 -47.15 13.84
CA ASN A 126 7.16 -47.57 15.23
C ASN A 126 7.33 -49.10 15.35
N GLY A 127 8.57 -49.57 15.33
CA GLY A 127 8.87 -50.97 15.43
C GLY A 127 9.98 -51.17 16.42
N THR A 128 10.20 -52.40 16.84
CA THR A 128 11.09 -52.68 17.97
C THR A 128 12.48 -53.10 17.55
N GLU A 129 12.62 -53.68 16.37
CA GLU A 129 13.87 -54.35 16.01
C GLU A 129 14.97 -53.32 15.78
N ARG A 130 14.57 -52.16 15.25
CA ARG A 130 15.50 -51.05 15.08
C ARG A 130 14.98 -49.72 15.66
N PRO A 131 15.91 -48.87 16.13
CA PRO A 131 15.43 -47.64 16.77
C PRO A 131 14.93 -46.51 15.80
N GLY A 132 13.84 -46.73 15.05
CA GLY A 132 13.32 -45.72 14.14
C GLY A 132 12.76 -44.48 14.87
N ALA A 133 12.20 -44.68 16.06
CA ALA A 133 11.61 -43.61 16.89
C ALA A 133 12.73 -42.84 17.51
N VAL A 134 13.81 -43.58 17.77
CA VAL A 134 15.04 -42.98 18.25
C VAL A 134 15.62 -42.01 17.21
N TYR A 135 15.73 -42.43 15.95
CA TYR A 135 16.12 -41.49 14.91
C TYR A 135 15.15 -40.32 14.85
N LEU A 136 13.87 -40.62 14.80
CA LEU A 136 12.85 -39.59 14.67
C LEU A 136 13.06 -38.45 15.67
N ALA A 137 13.26 -38.79 16.93
CA ALA A 137 13.42 -37.78 17.98
C ALA A 137 14.79 -37.10 17.94
N ALA A 138 15.83 -37.89 17.69
CA ALA A 138 17.16 -37.30 17.56
C ALA A 138 17.21 -36.28 16.44
N VAL A 139 16.64 -36.61 15.26
CA VAL A 139 16.76 -35.71 14.11
C VAL A 139 15.89 -34.44 14.25
N LEU A 140 14.73 -34.60 14.89
CA LEU A 140 13.93 -33.47 15.28
C LEU A 140 14.64 -32.59 16.35
N ALA A 141 15.37 -33.19 17.29
CA ALA A 141 16.19 -32.35 18.17
C ALA A 141 17.14 -31.44 17.37
N SER A 142 17.80 -32.01 16.37
CA SER A 142 18.64 -31.21 15.49
C SER A 142 17.87 -30.10 14.79
N HIS A 143 16.72 -30.47 14.21
CA HIS A 143 15.87 -29.48 13.56
C HIS A 143 15.55 -28.28 14.49
N ALA A 144 15.21 -28.55 15.75
CA ALA A 144 14.88 -27.52 16.70
C ALA A 144 16.11 -26.69 17.07
N GLN A 145 17.22 -27.38 17.32
CA GLN A 145 18.49 -26.74 17.68
C GLN A 145 19.06 -25.90 16.56
N LYS A 146 18.76 -26.25 15.31
CA LYS A 146 19.25 -25.47 14.17
C LYS A 146 18.20 -24.52 13.58
N GLY A 147 17.02 -24.50 14.19
CA GLY A 147 15.93 -23.59 13.77
C GLY A 147 15.41 -23.88 12.39
N ILE A 148 15.29 -25.15 12.04
CA ILE A 148 14.70 -25.53 10.75
C ILE A 148 13.50 -26.39 11.09
N PRO A 149 12.28 -25.80 11.09
CA PRO A 149 11.10 -26.52 11.57
C PRO A 149 10.80 -27.82 10.81
N ALA A 150 10.32 -28.84 11.53
CA ALA A 150 10.01 -30.15 10.96
C ALA A 150 8.86 -30.79 11.71
N PHE A 151 7.91 -31.38 10.96
CA PHE A 151 6.86 -32.15 11.63
C PHE A 151 7.32 -33.56 11.98
N GLY A 152 6.85 -34.04 13.14
CA GLY A 152 7.11 -35.40 13.62
C GLY A 152 5.94 -36.37 13.46
N ILE A 153 6.16 -37.45 12.73
CA ILE A 153 5.07 -38.39 12.49
C ILE A 153 5.40 -39.76 13.05
N TYR A 154 4.77 -40.05 14.20
CA TYR A 154 5.00 -41.27 15.01
C TYR A 154 3.67 -42.00 15.30
N GLY A 155 3.49 -43.21 14.74
CA GLY A 155 2.31 -44.05 14.97
C GLY A 155 2.15 -44.54 16.40
N ARG A 156 0.91 -44.56 16.88
CA ARG A 156 0.56 -45.04 18.22
C ARG A 156 0.96 -46.51 18.56
N ASP A 157 0.85 -47.44 17.61
CA ASP A 157 0.92 -48.88 17.93
C ASP A 157 2.15 -49.51 17.28
N VAL A 158 2.93 -50.25 18.07
CA VAL A 158 4.09 -50.98 17.54
C VAL A 158 3.65 -51.88 16.39
N GLN A 159 4.39 -51.81 15.28
CA GLN A 159 4.10 -52.56 14.06
C GLN A 159 5.18 -53.64 13.87
N GLU A 160 4.79 -54.76 13.24
CA GLU A 160 5.74 -55.83 12.86
C GLU A 160 6.66 -55.33 11.75
N ALA A 161 7.93 -55.72 11.82
CA ALA A 161 8.95 -55.26 10.86
C ALA A 161 8.53 -55.45 9.41
N SER A 162 7.82 -56.53 9.12
CA SER A 162 7.43 -56.81 7.75
C SER A 162 6.15 -56.08 7.34
N ASP A 163 5.48 -55.41 8.27
CA ASP A 163 4.17 -54.83 7.96
C ASP A 163 4.36 -53.68 7.02
N THR A 164 3.40 -53.49 6.12
CA THR A 164 3.57 -52.59 5.00
C THR A 164 2.41 -51.59 4.91
N ASP A 165 1.34 -51.85 5.66
CA ASP A 165 0.28 -50.87 5.85
C ASP A 165 0.82 -49.64 6.54
N ILE A 166 0.39 -48.49 6.04
CA ILE A 166 0.52 -47.27 6.80
C ILE A 166 -0.69 -47.18 7.76
N PRO A 167 -0.42 -47.19 9.07
CA PRO A 167 -1.54 -47.13 10.03
C PRO A 167 -2.35 -45.85 9.84
N GLU A 168 -3.61 -45.84 10.26
CA GLU A 168 -4.50 -44.70 10.03
C GLU A 168 -4.06 -43.38 10.70
N ASP A 169 -3.54 -43.45 11.92
CA ASP A 169 -3.01 -42.24 12.57
C ASP A 169 -1.84 -41.62 11.76
N VAL A 170 -1.02 -42.48 11.17
CA VAL A 170 0.06 -42.04 10.32
C VAL A 170 -0.41 -41.46 8.98
N LYS A 171 -1.38 -42.08 8.32
CA LYS A 171 -1.91 -41.54 7.05
C LYS A 171 -2.47 -40.14 7.25
N GLU A 172 -3.17 -39.96 8.37
CA GLU A 172 -3.91 -38.73 8.61
C GLU A 172 -2.91 -37.60 8.69
N LYS A 173 -1.84 -37.82 9.45
CA LYS A 173 -0.74 -36.87 9.55
C LYS A 173 0.00 -36.64 8.24
N LEU A 174 0.34 -37.71 7.54
CA LEU A 174 1.02 -37.56 6.27
C LEU A 174 0.20 -36.74 5.27
N LEU A 175 -1.11 -36.96 5.21
CA LEU A 175 -1.92 -36.29 4.20
C LEU A 175 -2.22 -34.86 4.63
N ARG A 176 -2.29 -34.63 5.93
CA ARG A 176 -2.59 -33.30 6.40
C ARG A 176 -1.35 -32.47 6.06
N TYR A 177 -0.18 -33.01 6.42
CA TYR A 177 1.08 -32.41 6.07
C TYR A 177 1.16 -32.14 4.58
N ALA A 178 0.84 -33.14 3.77
CA ALA A 178 1.04 -32.99 2.32
C ALA A 178 0.12 -31.89 1.73
N ARG A 179 -1.14 -31.84 2.17
CA ARG A 179 -2.14 -30.94 1.58
C ARG A 179 -1.71 -29.53 1.95
N ALA A 180 -1.30 -29.34 3.20
CA ALA A 180 -0.82 -28.04 3.63
C ALA A 180 0.49 -27.64 2.91
N ALA A 181 1.47 -28.55 2.89
CA ALA A 181 2.71 -28.31 2.12
C ALA A 181 2.43 -27.90 0.66
N LEU A 182 1.57 -28.66 -0.03
CA LEU A 182 1.20 -28.34 -1.40
C LEU A 182 0.54 -26.96 -1.52
N ALA A 183 -0.33 -26.62 -0.58
CA ALA A 183 -0.87 -25.25 -0.59
C ALA A 183 0.25 -24.20 -0.61
N THR A 184 1.26 -24.34 0.27
CA THR A 184 2.42 -23.41 0.18
C THR A 184 3.13 -23.51 -1.17
N GLY A 185 3.30 -24.72 -1.68
CA GLY A 185 3.97 -24.90 -2.97
C GLY A 185 3.23 -24.28 -4.15
N LEU A 186 1.90 -24.31 -4.13
CA LEU A 186 1.14 -23.74 -5.25
C LEU A 186 1.08 -22.22 -5.23
N MET A 187 1.13 -21.63 -4.03
CA MET A 187 1.11 -20.15 -3.92
C MET A 187 2.41 -19.50 -4.43
N ARG A 188 3.52 -20.10 -3.98
CA ARG A 188 4.83 -19.52 -4.19
C ARG A 188 5.04 -19.04 -5.62
N ASP A 189 5.55 -17.82 -5.76
CA ASP A 189 5.92 -17.23 -7.08
C ASP A 189 4.77 -16.86 -8.00
N THR A 190 3.53 -16.97 -7.54
CA THR A 190 2.40 -16.49 -8.33
C THR A 190 2.10 -15.04 -7.89
N ALA A 191 1.11 -14.43 -8.52
CA ALA A 191 0.77 -13.04 -8.23
C ALA A 191 -0.67 -12.91 -7.73
N TYR A 192 -0.87 -11.83 -6.97
CA TYR A 192 -2.15 -11.27 -6.71
C TYR A 192 -2.32 -10.01 -7.58
N LEU A 193 -3.41 -9.99 -8.37
CA LEU A 193 -3.68 -8.85 -9.23
C LEU A 193 -4.78 -7.99 -8.63
N SER A 194 -4.47 -6.73 -8.35
CA SER A 194 -5.47 -5.71 -8.03
C SER A 194 -6.02 -5.08 -9.31
N MET A 195 -7.34 -4.96 -9.41
CA MET A 195 -7.97 -4.12 -10.43
C MET A 195 -8.61 -2.94 -9.71
N GLY A 196 -8.09 -1.73 -9.92
CA GLY A 196 -8.28 -0.65 -8.96
C GLY A 196 -7.36 -0.82 -7.75
N SER A 197 -7.73 -0.16 -6.67
CA SER A 197 -6.94 -0.01 -5.46
C SER A 197 -7.80 -0.27 -4.21
N VAL A 198 -7.90 0.80 -3.42
CA VAL A 198 -8.65 0.79 -2.21
C VAL A 198 -10.13 0.98 -2.54
N SER A 199 -10.95 0.11 -1.97
CA SER A 199 -12.39 0.21 -2.10
C SER A 199 -12.98 0.71 -0.79
N MET A 200 -13.52 1.94 -0.83
CA MET A 200 -14.29 2.48 0.28
C MET A 200 -13.58 2.36 1.63
N GLY A 201 -12.28 2.66 1.63
CA GLY A 201 -11.47 2.68 2.86
C GLY A 201 -11.43 1.37 3.61
N ILE A 202 -11.78 0.27 2.94
CA ILE A 202 -11.70 -1.08 3.47
C ILE A 202 -10.26 -1.52 3.58
N GLY A 203 -9.85 -1.82 4.83
CA GLY A 203 -8.48 -2.16 5.20
C GLY A 203 -7.80 -3.21 4.35
N GLY A 204 -8.48 -4.34 4.12
CA GLY A 204 -7.91 -5.45 3.33
C GLY A 204 -7.71 -5.06 1.86
N SER A 205 -8.24 -3.91 1.46
CA SER A 205 -8.13 -3.50 0.08
C SER A 205 -7.02 -2.46 -0.05
N ILE A 206 -6.43 -2.07 1.08
CA ILE A 206 -5.14 -1.36 1.08
C ILE A 206 -4.04 -2.41 1.04
N VAL A 207 -3.69 -2.81 -0.17
CA VAL A 207 -2.94 -4.04 -0.36
C VAL A 207 -1.51 -3.89 0.14
N ASN A 208 -1.09 -4.85 0.97
CA ASN A 208 0.23 -4.88 1.57
C ASN A 208 1.19 -5.84 0.86
N PRO A 209 2.13 -5.29 0.07
CA PRO A 209 2.97 -6.24 -0.69
C PRO A 209 3.96 -7.00 0.20
N ASP A 210 4.33 -6.44 1.34
CA ASP A 210 5.31 -7.12 2.23
C ASP A 210 4.74 -8.44 2.69
N PHE A 211 3.44 -8.45 2.95
CA PHE A 211 2.79 -9.64 3.45
C PHE A 211 2.86 -10.75 2.40
N PHE A 212 2.40 -10.41 1.19
CA PHE A 212 2.51 -11.31 0.04
C PHE A 212 3.89 -11.82 -0.20
N GLN A 213 4.87 -10.91 -0.17
CA GLN A 213 6.24 -11.25 -0.50
C GLN A 213 6.89 -12.11 0.59
N GLU A 214 6.68 -11.75 1.85
CA GLU A 214 7.40 -12.35 2.96
C GLU A 214 6.78 -13.67 3.35
N TYR A 215 5.44 -13.70 3.40
CA TYR A 215 4.73 -14.89 3.89
C TYR A 215 4.43 -15.90 2.82
N LEU A 216 4.06 -15.41 1.63
CA LEU A 216 3.49 -16.28 0.62
C LEU A 216 4.43 -16.54 -0.54
N GLY A 217 5.55 -15.82 -0.60
CA GLY A 217 6.41 -15.90 -1.79
C GLY A 217 5.72 -15.34 -3.06
N MET A 218 4.73 -14.46 -2.89
CA MET A 218 3.96 -13.95 -4.01
C MET A 218 4.30 -12.52 -4.42
N ARG A 219 4.05 -12.23 -5.70
CA ARG A 219 4.26 -10.91 -6.29
C ARG A 219 2.92 -10.17 -6.29
N ASN A 220 2.97 -8.85 -6.48
CA ASN A 220 1.77 -8.03 -6.61
C ASN A 220 1.70 -7.30 -7.96
N GLU A 221 0.60 -7.49 -8.68
CA GLU A 221 0.34 -6.80 -9.94
C GLU A 221 -0.86 -5.86 -9.79
N SER A 222 -0.96 -4.89 -10.71
CA SER A 222 -1.89 -3.81 -10.52
C SER A 222 -2.34 -3.22 -11.85
N VAL A 223 -3.64 -3.08 -12.01
CA VAL A 223 -4.13 -2.28 -13.14
C VAL A 223 -5.27 -1.41 -12.68
N ASP A 224 -5.32 -0.21 -13.24
CA ASP A 224 -6.42 0.70 -12.99
C ASP A 224 -7.64 0.17 -13.75
N MET A 225 -8.83 0.37 -13.20
CA MET A 225 -10.02 -0.14 -13.84
C MET A 225 -10.22 0.47 -15.24
N THR A 226 -9.57 1.60 -15.51
CA THR A 226 -9.59 2.11 -16.86
C THR A 226 -9.21 1.05 -17.89
N GLU A 227 -8.34 0.11 -17.54
CA GLU A 227 -7.97 -0.93 -18.50
C GLU A 227 -9.22 -1.64 -19.05
N PHE A 228 -10.24 -1.82 -18.22
CA PHE A 228 -11.50 -2.46 -18.67
C PHE A 228 -12.15 -1.69 -19.82
N THR A 229 -12.23 -0.37 -19.64
CA THR A 229 -12.88 0.52 -20.58
C THR A 229 -12.10 0.49 -21.89
N ARG A 230 -10.78 0.55 -21.78
CA ARG A 230 -9.88 0.52 -22.91
C ARG A 230 -10.12 -0.74 -23.77
N ARG A 231 -10.10 -1.91 -23.15
CA ARG A 231 -10.32 -3.16 -23.86
C ARG A 231 -11.72 -3.24 -24.46
N MET A 232 -12.71 -2.69 -23.75
CA MET A 232 -14.04 -2.65 -24.32
C MET A 232 -14.08 -1.72 -25.53
N ASP A 233 -13.60 -0.48 -25.41
CA ASP A 233 -13.68 0.43 -26.54
C ASP A 233 -12.93 -0.09 -27.75
N ARG A 234 -11.89 -0.87 -27.56
CA ARG A 234 -10.93 -1.13 -28.64
C ARG A 234 -10.99 -2.58 -29.10
N GLY A 235 -11.94 -3.34 -28.59
CA GLY A 235 -12.14 -4.69 -29.07
C GLY A 235 -11.10 -5.67 -28.56
N ILE A 236 -10.46 -5.34 -27.44
CA ILE A 236 -9.43 -6.21 -26.90
C ILE A 236 -10.04 -7.33 -26.06
N TYR A 237 -10.80 -8.20 -26.74
CA TYR A 237 -11.37 -9.43 -26.17
C TYR A 237 -11.87 -10.24 -27.37
N ASP A 238 -12.30 -11.48 -27.15
CA ASP A 238 -12.55 -12.42 -28.22
C ASP A 238 -14.02 -12.37 -28.66
N PRO A 239 -14.27 -11.91 -29.90
CA PRO A 239 -15.62 -11.73 -30.46
C PRO A 239 -16.40 -13.03 -30.73
N GLU A 240 -15.76 -14.10 -31.19
CA GLU A 240 -16.40 -15.42 -31.23
C GLU A 240 -16.94 -15.77 -29.87
N GLU A 241 -16.05 -15.70 -28.88
CA GLU A 241 -16.43 -16.00 -27.52
C GLU A 241 -17.58 -15.10 -27.09
N PHE A 242 -17.54 -13.82 -27.44
CA PHE A 242 -18.61 -12.98 -26.99
C PHE A 242 -19.98 -13.45 -27.51
N GLU A 243 -20.07 -13.75 -28.81
CA GLU A 243 -21.32 -14.23 -29.39
C GLU A 243 -21.82 -15.49 -28.71
N ARG A 244 -20.91 -16.42 -28.42
CA ARG A 244 -21.36 -17.65 -27.81
C ARG A 244 -21.80 -17.43 -26.35
N ALA A 245 -21.18 -16.47 -25.69
CA ALA A 245 -21.50 -16.17 -24.32
C ALA A 245 -22.88 -15.46 -24.19
N LEU A 246 -23.11 -14.47 -25.03
CA LEU A 246 -24.39 -13.76 -25.07
C LEU A 246 -25.57 -14.74 -25.26
N LYS A 247 -25.38 -15.71 -26.15
CA LYS A 247 -26.39 -16.70 -26.44
C LYS A 247 -26.59 -17.66 -25.27
N TRP A 248 -25.51 -18.16 -24.70
CA TRP A 248 -25.56 -19.04 -23.52
C TRP A 248 -26.22 -18.34 -22.28
N VAL A 249 -25.93 -17.05 -22.11
CA VAL A 249 -26.46 -16.28 -20.99
C VAL A 249 -27.99 -16.04 -21.13
N LYS A 250 -28.43 -15.71 -22.34
CA LYS A 250 -29.89 -15.66 -22.63
C LYS A 250 -30.59 -16.99 -22.37
N GLU A 251 -29.96 -18.12 -22.66
CA GLU A 251 -30.63 -19.38 -22.42
C GLU A 251 -30.64 -19.76 -20.96
N ASN A 252 -29.57 -19.43 -20.22
CA ASN A 252 -29.30 -20.07 -18.93
C ASN A 252 -29.43 -19.16 -17.70
N VAL A 253 -29.28 -17.86 -17.91
CA VAL A 253 -29.22 -16.89 -16.82
C VAL A 253 -30.56 -16.14 -16.68
N LYS A 254 -31.23 -16.34 -15.54
CA LYS A 254 -32.54 -15.73 -15.30
C LYS A 254 -32.41 -14.37 -14.59
N GLU A 255 -32.74 -13.31 -15.31
CA GLU A 255 -32.91 -11.98 -14.71
C GLU A 255 -33.90 -12.00 -13.53
N GLY A 256 -33.58 -11.34 -12.42
CA GLY A 256 -34.43 -11.40 -11.21
C GLY A 256 -35.35 -10.21 -11.07
N PHE A 257 -36.01 -10.12 -9.92
CA PHE A 257 -36.96 -9.03 -9.67
C PHE A 257 -36.27 -7.66 -9.53
N ASP A 258 -36.79 -6.63 -10.18
CA ASP A 258 -36.23 -5.30 -10.05
C ASP A 258 -36.76 -4.52 -8.83
N HIS A 259 -35.96 -4.37 -7.76
CA HIS A 259 -36.41 -3.67 -6.54
C HIS A 259 -36.27 -2.16 -6.64
N ASN A 260 -35.77 -1.66 -7.77
CA ASN A 260 -35.51 -0.22 -7.90
C ASN A 260 -36.75 0.66 -7.87
N ARG A 261 -36.65 1.77 -7.17
CA ARG A 261 -37.74 2.73 -7.16
C ARG A 261 -38.01 3.31 -8.57
N GLU A 262 -39.24 3.77 -8.80
CA GLU A 262 -39.73 4.05 -10.15
C GLU A 262 -38.77 4.80 -11.08
N ASP A 263 -38.21 5.91 -10.63
CA ASP A 263 -37.43 6.78 -11.53
C ASP A 263 -35.99 6.32 -11.72
N LEU A 264 -35.60 5.25 -11.03
CA LEU A 264 -34.30 4.63 -11.23
C LEU A 264 -34.38 3.38 -12.09
N VAL A 265 -35.59 2.82 -12.23
CA VAL A 265 -35.77 1.62 -13.05
C VAL A 265 -35.31 1.85 -14.49
N LEU A 266 -34.46 0.97 -14.99
CA LEU A 266 -33.91 1.05 -16.34
C LEU A 266 -34.83 0.41 -17.39
N SER A 267 -34.82 0.93 -18.60
CA SER A 267 -35.59 0.34 -19.69
C SER A 267 -35.07 -1.05 -20.07
N ARG A 268 -35.88 -1.79 -20.81
CA ARG A 268 -35.47 -3.11 -21.25
C ARG A 268 -34.25 -3.00 -22.18
N GLU A 269 -34.17 -1.93 -22.98
CA GLU A 269 -33.05 -1.77 -23.91
C GLU A 269 -31.77 -1.60 -23.08
N GLU A 270 -31.80 -0.62 -22.18
CA GLU A 270 -30.67 -0.35 -21.31
C GLU A 270 -30.26 -1.61 -20.51
N LYS A 271 -31.23 -2.36 -19.99
CA LYS A 271 -30.87 -3.59 -19.27
C LYS A 271 -30.13 -4.60 -20.16
N ASP A 272 -30.57 -4.68 -21.42
CA ASP A 272 -29.95 -5.56 -22.39
C ASP A 272 -28.51 -5.19 -22.79
N ARG A 273 -28.26 -3.89 -22.97
CA ARG A 273 -26.90 -3.42 -23.20
C ARG A 273 -26.00 -3.75 -22.01
N GLN A 274 -26.53 -3.61 -20.80
CA GLN A 274 -25.77 -3.89 -19.61
C GLN A 274 -25.40 -5.37 -19.52
N TRP A 275 -26.29 -6.24 -19.98
CA TRP A 275 -26.00 -7.69 -20.00
C TRP A 275 -24.78 -7.99 -20.87
N GLU A 276 -24.71 -7.33 -22.02
CA GLU A 276 -23.56 -7.47 -22.92
C GLU A 276 -22.27 -6.99 -22.25
N PHE A 277 -22.37 -5.86 -21.57
CA PHE A 277 -21.23 -5.24 -20.90
C PHE A 277 -20.68 -6.14 -19.76
N VAL A 278 -21.55 -6.69 -18.94
CA VAL A 278 -21.05 -7.42 -17.78
C VAL A 278 -20.45 -8.74 -18.25
N ILE A 279 -20.87 -9.22 -19.44
CA ILE A 279 -20.28 -10.43 -20.00
C ILE A 279 -18.83 -10.14 -20.40
N LYS A 280 -18.67 -9.05 -21.16
CA LYS A 280 -17.37 -8.56 -21.50
C LYS A 280 -16.46 -8.31 -20.28
N MET A 281 -16.99 -7.69 -19.23
CA MET A 281 -16.26 -7.58 -17.96
C MET A 281 -15.75 -8.94 -17.56
N PHE A 282 -16.61 -9.96 -17.59
CA PHE A 282 -16.14 -11.26 -17.13
C PHE A 282 -14.95 -11.71 -17.94
N MET A 283 -15.08 -11.62 -19.27
CA MET A 283 -14.05 -12.07 -20.19
C MET A 283 -12.71 -11.33 -19.97
N ILE A 284 -12.80 -10.00 -19.82
CA ILE A 284 -11.62 -9.19 -19.62
C ILE A 284 -10.93 -9.48 -18.27
N GLY A 285 -11.72 -9.74 -17.24
CA GLY A 285 -11.20 -10.03 -15.91
C GLY A 285 -10.36 -11.29 -15.96
N ARG A 286 -10.88 -12.30 -16.64
CA ARG A 286 -10.27 -13.60 -16.73
C ARG A 286 -9.00 -13.54 -17.62
N ASP A 287 -9.11 -12.83 -18.73
CA ASP A 287 -7.96 -12.58 -19.60
C ASP A 287 -6.83 -11.91 -18.81
N LEU A 288 -7.19 -10.86 -18.05
CA LEU A 288 -6.25 -10.16 -17.18
C LEU A 288 -5.53 -11.10 -16.19
N MET A 289 -6.28 -12.01 -15.57
CA MET A 289 -5.66 -12.91 -14.62
C MET A 289 -4.70 -13.92 -15.24
N VAL A 290 -5.15 -14.64 -16.27
CA VAL A 290 -4.38 -15.78 -16.74
C VAL A 290 -3.88 -15.68 -18.17
N GLY A 291 -4.15 -14.56 -18.84
CA GLY A 291 -3.84 -14.42 -20.28
C GLY A 291 -4.80 -15.23 -21.14
N ASN A 292 -4.64 -15.11 -22.46
CA ASN A 292 -5.52 -15.72 -23.44
C ASN A 292 -4.83 -15.68 -24.79
N PRO A 293 -4.53 -16.85 -25.37
CA PRO A 293 -3.84 -16.87 -26.68
C PRO A 293 -4.68 -16.31 -27.84
N ARG A 294 -6.00 -16.29 -27.71
CA ARG A 294 -6.83 -15.71 -28.76
C ARG A 294 -6.53 -14.24 -28.97
N LEU A 295 -6.31 -13.52 -27.87
CA LEU A 295 -5.81 -12.13 -27.94
C LEU A 295 -4.53 -11.94 -28.81
N ALA A 296 -3.59 -12.88 -28.74
CA ALA A 296 -2.41 -12.78 -29.61
C ALA A 296 -2.82 -12.97 -31.08
N GLU A 297 -3.62 -14.02 -31.36
CA GLU A 297 -4.22 -14.20 -32.70
C GLU A 297 -4.91 -12.95 -33.21
N LEU A 298 -5.60 -12.22 -32.34
CA LEU A 298 -6.27 -10.99 -32.80
C LEU A 298 -5.34 -9.79 -32.82
N GLY A 299 -4.06 -9.98 -32.53
CA GLY A 299 -3.08 -8.90 -32.70
C GLY A 299 -2.86 -7.98 -31.52
N PHE A 300 -3.11 -8.47 -30.30
CA PHE A 300 -2.72 -7.72 -29.11
C PHE A 300 -1.77 -8.63 -28.34
N GLU A 301 -0.54 -8.73 -28.84
CA GLU A 301 0.33 -9.73 -28.26
C GLU A 301 0.64 -9.39 -26.81
N GLU A 302 0.71 -8.10 -26.47
CA GLU A 302 1.04 -7.74 -25.11
C GLU A 302 -0.03 -8.18 -24.09
N GLU A 303 -1.28 -7.85 -24.40
CA GLU A 303 -2.42 -8.17 -23.53
C GLU A 303 -2.59 -9.69 -23.38
N ALA A 304 -2.11 -10.45 -24.36
CA ALA A 304 -2.30 -11.89 -24.34
C ALA A 304 -1.64 -12.65 -23.16
N VAL A 305 -0.62 -12.04 -22.54
CA VAL A 305 0.15 -12.82 -21.56
C VAL A 305 -0.47 -12.81 -20.16
N GLY A 306 -1.31 -11.82 -19.86
CA GLY A 306 -1.95 -11.79 -18.55
C GLY A 306 -0.99 -11.35 -17.43
N HIS A 307 -1.39 -11.56 -16.18
CA HIS A 307 -0.68 -11.01 -15.05
C HIS A 307 -0.27 -12.10 -14.09
N HIS A 308 -0.41 -13.36 -14.51
CA HIS A 308 0.13 -14.49 -13.77
C HIS A 308 -0.53 -14.58 -12.38
N ALA A 309 -1.83 -14.33 -12.32
CA ALA A 309 -2.54 -14.20 -11.04
C ALA A 309 -3.22 -15.52 -10.61
N LEU A 310 -2.80 -16.08 -9.47
CA LEU A 310 -3.49 -17.20 -8.87
C LEU A 310 -4.78 -16.68 -8.14
N VAL A 311 -4.78 -15.39 -7.83
CA VAL A 311 -5.89 -14.78 -7.11
C VAL A 311 -5.89 -13.28 -7.50
N ALA A 312 -7.07 -12.67 -7.48
CA ALA A 312 -7.19 -11.26 -7.84
C ALA A 312 -8.44 -10.65 -7.18
N GLY A 313 -8.61 -9.33 -7.32
CA GLY A 313 -9.84 -8.69 -6.88
C GLY A 313 -10.16 -7.51 -7.74
N PHE A 314 -11.37 -6.95 -7.54
CA PHE A 314 -11.89 -5.83 -8.34
C PHE A 314 -12.40 -4.76 -7.38
N GLN A 315 -11.83 -3.56 -7.45
CA GLN A 315 -12.14 -2.54 -6.46
C GLN A 315 -13.65 -2.24 -6.50
N GLY A 316 -14.15 -1.95 -7.71
CA GLY A 316 -15.56 -1.67 -7.92
C GLY A 316 -15.95 -0.31 -7.41
N GLN A 317 -16.57 -0.28 -6.24
CA GLN A 317 -16.98 0.98 -5.59
C GLN A 317 -15.76 1.77 -5.13
N ARG A 318 -15.85 3.11 -5.10
CA ARG A 318 -17.03 3.86 -5.55
C ARG A 318 -16.94 4.25 -7.04
N GLN A 319 -15.74 4.44 -7.55
CA GLN A 319 -15.60 5.24 -8.76
C GLN A 319 -16.13 4.50 -9.99
N TRP A 320 -15.93 3.19 -10.06
CA TRP A 320 -16.37 2.44 -11.22
C TRP A 320 -17.87 2.19 -11.16
N THR A 321 -18.35 1.67 -10.02
CA THR A 321 -19.74 1.32 -9.89
C THR A 321 -20.65 2.56 -9.86
N ASP A 322 -20.09 3.73 -9.61
CA ASP A 322 -20.86 4.95 -9.77
C ASP A 322 -21.21 5.25 -11.24
N HIS A 323 -20.50 4.63 -12.17
CA HIS A 323 -20.59 5.04 -13.56
C HIS A 323 -21.00 3.91 -14.52
N PHE A 324 -20.59 2.69 -14.20
CA PHE A 324 -20.61 1.58 -15.14
C PHE A 324 -21.26 0.43 -14.43
N PRO A 325 -21.77 -0.56 -15.17
CA PRO A 325 -22.34 -1.75 -14.56
C PRO A 325 -21.39 -2.40 -13.56
N ASN A 326 -21.91 -2.91 -12.45
CA ASN A 326 -21.04 -3.32 -11.38
C ASN A 326 -20.35 -4.67 -11.64
N GLY A 327 -19.58 -5.13 -10.65
CA GLY A 327 -18.73 -6.30 -10.82
C GLY A 327 -19.34 -7.65 -10.52
N ASP A 328 -20.63 -7.69 -10.17
CA ASP A 328 -21.18 -8.91 -9.53
C ASP A 328 -21.14 -10.10 -10.48
N PHE A 329 -21.51 -9.82 -11.73
CA PHE A 329 -21.56 -10.89 -12.70
C PHE A 329 -20.16 -11.49 -12.85
N MET A 330 -19.19 -10.63 -13.09
CA MET A 330 -17.80 -11.04 -13.22
C MET A 330 -17.33 -11.78 -11.96
N GLU A 331 -17.60 -11.21 -10.79
CA GLU A 331 -17.10 -11.81 -9.55
C GLU A 331 -17.74 -13.20 -9.33
N THR A 332 -19.02 -13.29 -9.68
CA THR A 332 -19.79 -14.51 -9.51
C THR A 332 -19.24 -15.59 -10.41
N PHE A 333 -19.15 -15.28 -11.69
CA PHE A 333 -18.65 -16.27 -12.63
C PHE A 333 -17.16 -16.61 -12.51
N LEU A 334 -16.31 -15.66 -12.15
CA LEU A 334 -14.93 -16.05 -11.89
C LEU A 334 -14.88 -17.14 -10.78
N ASN A 335 -15.73 -17.03 -9.75
CA ASN A 335 -15.67 -17.95 -8.62
C ASN A 335 -16.45 -19.22 -8.83
N THR A 336 -17.19 -19.30 -9.95
CA THR A 336 -18.06 -20.42 -10.25
C THR A 336 -17.33 -21.43 -11.14
N GLN A 337 -17.66 -22.71 -11.04
CA GLN A 337 -16.97 -23.72 -11.80
C GLN A 337 -17.51 -24.03 -13.20
N PHE A 338 -18.11 -23.04 -13.84
CA PHE A 338 -18.50 -23.20 -15.25
C PHE A 338 -18.91 -21.88 -15.86
N ASP A 339 -19.04 -21.90 -17.18
CA ASP A 339 -19.64 -20.80 -17.91
C ASP A 339 -19.93 -21.34 -19.30
N TRP A 340 -20.17 -20.45 -20.26
CA TRP A 340 -20.41 -20.89 -21.65
C TRP A 340 -19.28 -21.73 -22.27
N ASN A 341 -18.12 -21.75 -21.65
CA ASN A 341 -17.04 -22.60 -22.16
C ASN A 341 -17.00 -23.99 -21.51
N GLY A 342 -17.93 -24.29 -20.59
CA GLY A 342 -17.93 -25.61 -19.98
C GLY A 342 -17.46 -25.60 -18.54
N ILE A 343 -17.51 -26.75 -17.88
CA ILE A 343 -17.09 -26.91 -16.50
C ILE A 343 -15.56 -26.71 -16.37
N ARG A 344 -15.10 -26.25 -15.22
CA ARG A 344 -13.79 -25.59 -15.16
C ARG A 344 -13.39 -25.21 -13.73
N LYS A 345 -12.09 -25.20 -13.46
CA LYS A 345 -11.61 -24.62 -12.21
C LYS A 345 -12.07 -23.17 -12.01
N PRO A 346 -12.24 -22.76 -10.75
CA PRO A 346 -12.57 -21.37 -10.46
C PRO A 346 -11.34 -20.48 -10.60
N PHE A 347 -11.55 -19.18 -10.68
CA PHE A 347 -10.47 -18.20 -10.55
C PHE A 347 -10.75 -17.47 -9.25
N VAL A 348 -9.94 -17.73 -8.22
CA VAL A 348 -10.21 -17.15 -6.90
C VAL A 348 -10.20 -15.61 -6.98
N PHE A 349 -11.31 -14.99 -6.58
CA PHE A 349 -11.55 -13.61 -6.89
C PHE A 349 -12.29 -12.84 -5.80
N ALA A 350 -11.75 -11.68 -5.44
CA ALA A 350 -12.20 -10.93 -4.29
C ALA A 350 -13.00 -9.68 -4.67
N THR A 351 -14.20 -9.59 -4.12
CA THR A 351 -15.00 -8.37 -4.20
C THR A 351 -14.29 -7.23 -3.48
N GLU A 352 -14.42 -6.02 -4.04
CA GLU A 352 -13.89 -4.82 -3.40
C GLU A 352 -12.39 -4.89 -3.24
N ASN A 353 -11.74 -5.71 -4.08
CA ASN A 353 -10.31 -5.91 -4.00
C ASN A 353 -9.88 -6.20 -2.56
N ASP A 354 -10.71 -6.90 -1.80
CA ASP A 354 -10.33 -7.27 -0.44
C ASP A 354 -9.31 -8.43 -0.51
N SER A 355 -8.06 -8.04 -0.58
CA SER A 355 -6.97 -8.95 -0.88
C SER A 355 -6.77 -9.94 0.25
N LEU A 356 -7.08 -9.54 1.48
CA LEU A 356 -6.98 -10.45 2.63
C LEU A 356 -8.06 -11.54 2.51
N ASN A 357 -9.27 -11.15 2.10
CA ASN A 357 -10.31 -12.15 1.96
C ASN A 357 -9.95 -13.10 0.83
N GLY A 358 -9.44 -12.52 -0.25
CA GLY A 358 -8.85 -13.26 -1.38
C GLY A 358 -7.85 -14.31 -0.95
N VAL A 359 -6.92 -13.96 -0.07
CA VAL A 359 -5.95 -14.96 0.37
C VAL A 359 -6.58 -16.00 1.29
N SER A 360 -7.57 -15.57 2.06
CA SER A 360 -8.33 -16.49 2.91
C SER A 360 -9.07 -17.54 2.05
N MET A 361 -9.73 -17.08 0.99
CA MET A 361 -10.37 -17.96 0.03
C MET A 361 -9.35 -18.89 -0.59
N LEU A 362 -8.20 -18.34 -0.98
CA LEU A 362 -7.21 -19.15 -1.68
C LEU A 362 -6.62 -20.23 -0.76
N PHE A 363 -6.42 -19.89 0.51
CA PHE A 363 -6.03 -20.91 1.48
C PHE A 363 -6.99 -22.10 1.40
N ASN A 364 -8.28 -21.79 1.51
CA ASN A 364 -9.32 -22.80 1.49
C ASN A 364 -9.33 -23.57 0.14
N TYR A 365 -9.20 -22.82 -0.95
CA TYR A 365 -9.19 -23.38 -2.28
C TYR A 365 -8.03 -24.35 -2.44
N LEU A 366 -6.82 -23.92 -2.10
CA LEU A 366 -5.66 -24.77 -2.32
C LEU A 366 -5.70 -26.00 -1.45
N LEU A 367 -6.33 -25.91 -0.28
CA LEU A 367 -6.45 -27.09 0.58
C LEU A 367 -7.48 -28.13 0.15
N THR A 368 -8.46 -27.73 -0.67
CA THR A 368 -9.65 -28.56 -0.86
C THR A 368 -9.94 -28.81 -2.33
N ASN A 369 -9.34 -28.01 -3.22
CA ASN A 369 -9.75 -27.90 -4.60
C ASN A 369 -11.25 -27.67 -4.80
N THR A 370 -11.88 -26.83 -3.96
CA THR A 370 -13.30 -26.48 -4.10
C THR A 370 -13.49 -24.95 -4.09
N PRO A 371 -14.45 -24.45 -4.87
CA PRO A 371 -14.65 -23.01 -4.95
C PRO A 371 -15.06 -22.40 -3.61
N GLN A 372 -15.16 -21.09 -3.54
CA GLN A 372 -15.11 -20.40 -2.24
C GLN A 372 -16.11 -19.26 -2.14
N ILE A 373 -16.93 -19.26 -1.09
CA ILE A 373 -17.89 -18.19 -0.86
C ILE A 373 -17.17 -16.97 -0.28
N PHE A 374 -17.38 -15.82 -0.92
CA PHE A 374 -17.05 -14.51 -0.37
C PHE A 374 -18.32 -13.93 0.27
N ALA A 375 -18.24 -13.44 1.49
CA ALA A 375 -19.43 -12.84 2.13
C ALA A 375 -19.12 -11.76 3.16
N ASP A 376 -19.99 -10.76 3.27
CA ASP A 376 -20.07 -9.92 4.46
C ASP A 376 -20.74 -10.67 5.60
N VAL A 377 -20.16 -10.56 6.79
CA VAL A 377 -20.78 -11.00 8.04
C VAL A 377 -21.79 -9.92 8.43
N ARG A 378 -23.02 -10.10 7.93
CA ARG A 378 -23.99 -9.02 7.96
C ARG A 378 -24.70 -8.86 9.31
N THR A 379 -25.24 -9.94 9.86
CA THR A 379 -26.01 -9.82 11.11
C THR A 379 -25.72 -10.99 12.01
N TYR A 380 -25.64 -10.75 13.31
CA TYR A 380 -25.92 -11.81 14.27
C TYR A 380 -27.40 -11.79 14.69
N TRP A 381 -28.09 -12.90 14.45
CA TRP A 381 -29.46 -13.12 14.93
C TRP A 381 -29.48 -13.95 16.21
N SER A 382 -29.78 -13.30 17.33
CA SER A 382 -29.93 -14.03 18.58
C SER A 382 -31.28 -14.77 18.58
N PRO A 383 -31.39 -15.85 19.37
CA PRO A 383 -32.68 -16.52 19.48
C PRO A 383 -33.80 -15.57 19.91
N GLU A 384 -33.49 -14.68 20.87
CA GLU A 384 -34.45 -13.64 21.31
C GLU A 384 -34.98 -12.75 20.18
N ALA A 385 -34.10 -12.34 19.28
CA ALA A 385 -34.51 -11.39 18.26
C ALA A 385 -35.29 -12.07 17.15
N VAL A 386 -34.99 -13.33 16.88
CA VAL A 386 -35.77 -14.11 15.90
C VAL A 386 -37.21 -14.30 16.41
N LYS A 387 -37.34 -14.64 17.69
CA LYS A 387 -38.62 -14.73 18.39
C LYS A 387 -39.42 -13.42 18.26
N ARG A 388 -38.78 -12.30 18.58
CA ARG A 388 -39.44 -11.01 18.52
C ARG A 388 -39.91 -10.68 17.09
N VAL A 389 -39.02 -10.86 16.13
CA VAL A 389 -39.32 -10.48 14.76
C VAL A 389 -40.23 -11.48 14.04
N THR A 390 -40.20 -12.75 14.43
CA THR A 390 -40.87 -13.79 13.61
C THR A 390 -41.86 -14.64 14.39
N GLY A 391 -41.79 -14.64 15.71
CA GLY A 391 -42.61 -15.54 16.52
C GLY A 391 -41.99 -16.92 16.68
N HIS A 392 -41.02 -17.25 15.84
CA HIS A 392 -40.42 -18.57 15.83
C HIS A 392 -39.33 -18.78 16.90
N THR A 393 -39.34 -19.97 17.51
CA THR A 393 -38.32 -20.43 18.48
C THR A 393 -37.36 -21.39 17.78
N LEU A 394 -36.11 -20.97 17.63
CA LEU A 394 -35.12 -21.71 16.82
C LEU A 394 -34.86 -23.02 17.48
N GLU A 395 -34.72 -24.07 16.70
CA GLU A 395 -34.30 -25.35 17.24
C GLU A 395 -33.24 -25.97 16.36
N GLY A 396 -32.65 -27.05 16.83
CA GLY A 396 -31.58 -27.73 16.09
C GLY A 396 -30.30 -26.90 16.13
N ARG A 397 -29.50 -27.07 15.08
CA ARG A 397 -28.23 -26.35 14.96
C ARG A 397 -28.43 -24.83 15.05
N ALA A 398 -29.64 -24.36 14.75
CA ALA A 398 -29.90 -22.92 14.79
C ALA A 398 -30.21 -22.40 16.18
N ALA A 399 -30.32 -23.33 17.14
CA ALA A 399 -30.97 -23.02 18.41
C ALA A 399 -30.27 -21.95 19.21
N ALA A 400 -28.95 -21.84 19.05
CA ALA A 400 -28.14 -20.93 19.87
C ALA A 400 -27.87 -19.59 19.15
N GLY A 401 -28.58 -19.32 18.07
CA GLY A 401 -28.39 -18.09 17.30
C GLY A 401 -27.60 -18.38 16.05
N PHE A 402 -27.40 -17.39 15.20
CA PHE A 402 -26.71 -17.64 13.93
C PHE A 402 -26.29 -16.35 13.23
N LEU A 403 -25.51 -16.52 12.17
CA LEU A 403 -25.02 -15.39 11.40
C LEU A 403 -25.58 -15.34 9.97
N HIS A 404 -25.84 -14.13 9.50
CA HIS A 404 -26.29 -13.93 8.14
C HIS A 404 -25.07 -13.60 7.30
N LEU A 405 -24.65 -14.56 6.48
CA LEU A 405 -23.51 -14.35 5.61
C LEU A 405 -24.05 -14.06 4.23
N ILE A 406 -23.72 -12.88 3.71
CA ILE A 406 -24.36 -12.36 2.48
C ILE A 406 -23.50 -11.29 1.83
N ASN A 407 -22.92 -11.58 0.68
CA ASN A 407 -22.13 -10.59 -0.05
C ASN A 407 -22.91 -9.49 -0.78
N SER A 408 -22.32 -8.31 -0.91
CA SER A 408 -23.00 -7.17 -1.48
C SER A 408 -23.12 -7.33 -2.99
N GLY A 409 -23.44 -8.54 -3.43
CA GLY A 409 -23.88 -8.76 -4.81
C GLY A 409 -23.49 -10.04 -5.52
N SER A 410 -22.37 -10.64 -5.15
CA SER A 410 -21.83 -11.75 -5.91
C SER A 410 -21.45 -12.89 -5.00
N CYS A 411 -21.50 -14.09 -5.56
CA CYS A 411 -21.10 -15.29 -4.87
C CYS A 411 -21.02 -16.45 -5.85
N THR A 412 -20.08 -17.35 -5.62
CA THR A 412 -19.94 -18.52 -6.49
C THR A 412 -21.27 -19.28 -6.56
N LEU A 413 -21.70 -19.66 -7.77
CA LEU A 413 -22.93 -20.44 -7.90
C LEU A 413 -22.84 -21.82 -7.25
N ASP A 414 -21.63 -22.40 -7.16
CA ASP A 414 -21.44 -23.63 -6.38
C ASP A 414 -21.89 -23.43 -4.91
N GLY A 415 -21.94 -22.17 -4.47
CA GLY A 415 -22.36 -21.83 -3.08
C GLY A 415 -23.87 -22.00 -2.83
N THR A 416 -24.65 -22.23 -3.89
CA THR A 416 -26.02 -22.77 -3.75
C THR A 416 -26.11 -24.06 -2.93
N GLY A 417 -25.12 -24.92 -3.03
CA GLY A 417 -25.18 -26.21 -2.32
C GLY A 417 -25.99 -27.23 -3.09
N GLN A 418 -26.14 -26.99 -4.39
CA GLN A 418 -26.91 -27.87 -5.27
C GLN A 418 -26.17 -29.17 -5.63
N ALA A 419 -24.83 -29.16 -5.62
CA ALA A 419 -24.08 -30.41 -5.82
C ALA A 419 -24.33 -31.34 -4.63
N THR A 420 -24.36 -32.64 -4.90
CA THR A 420 -24.84 -33.64 -3.94
C THR A 420 -23.91 -34.83 -3.85
N ARG A 421 -23.66 -35.28 -2.64
CA ARG A 421 -22.98 -36.54 -2.37
C ARG A 421 -23.71 -37.23 -1.20
N ASP A 422 -24.21 -38.44 -1.46
CA ASP A 422 -24.98 -39.20 -0.47
C ASP A 422 -26.23 -38.46 -0.02
N GLY A 423 -26.90 -37.79 -0.96
CA GLY A 423 -28.11 -37.03 -0.61
C GLY A 423 -27.84 -35.83 0.31
N LYS A 424 -26.57 -35.40 0.36
CA LYS A 424 -26.18 -34.28 1.19
C LYS A 424 -25.56 -33.17 0.32
N PRO A 425 -25.88 -31.90 0.63
CA PRO A 425 -25.37 -30.76 -0.11
C PRO A 425 -23.85 -30.61 0.08
N ILE A 426 -23.13 -30.35 -1.01
CA ILE A 426 -21.69 -30.06 -0.97
C ILE A 426 -21.25 -29.07 -2.05
N MET A 427 -19.97 -28.70 -1.96
CA MET A 427 -19.28 -28.03 -3.06
C MET A 427 -18.17 -28.98 -3.44
N LYS A 428 -18.01 -29.17 -4.73
CA LYS A 428 -17.18 -30.24 -5.23
C LYS A 428 -16.06 -29.61 -6.03
N PRO A 429 -14.93 -30.33 -6.20
CA PRO A 429 -13.93 -29.94 -7.21
C PRO A 429 -14.56 -30.07 -8.57
N PHE A 430 -14.14 -29.26 -9.52
CA PHE A 430 -14.83 -29.16 -10.78
C PHE A 430 -14.96 -30.49 -11.51
N TRP A 431 -13.97 -31.37 -11.34
CA TRP A 431 -13.95 -32.58 -12.16
C TRP A 431 -14.92 -33.61 -11.61
N GLU A 432 -15.48 -33.39 -10.44
CA GLU A 432 -16.54 -34.27 -9.94
C GLU A 432 -17.95 -33.71 -10.21
N LEU A 433 -18.03 -32.58 -10.91
CA LEU A 433 -19.35 -31.96 -11.10
C LEU A 433 -20.14 -32.67 -12.19
N GLU A 434 -21.39 -33.02 -11.90
CA GLU A 434 -22.28 -33.46 -12.97
C GLU A 434 -23.06 -32.32 -13.64
N GLU A 435 -23.31 -32.47 -14.94
CA GLU A 435 -24.21 -31.59 -15.75
C GLU A 435 -25.52 -31.19 -15.08
N SER A 436 -26.16 -32.17 -14.46
CA SER A 436 -27.41 -31.93 -13.80
C SER A 436 -27.23 -31.03 -12.58
N GLU A 437 -26.02 -31.04 -12.00
CA GLU A 437 -25.73 -30.22 -10.83
C GLU A 437 -25.52 -28.74 -11.25
N VAL A 438 -24.79 -28.53 -12.34
CA VAL A 438 -24.71 -27.23 -12.98
C VAL A 438 -26.10 -26.67 -13.32
N GLN A 439 -26.93 -27.49 -13.96
CA GLN A 439 -28.33 -27.17 -14.19
C GLN A 439 -29.06 -26.69 -12.92
N ALA A 440 -28.94 -27.46 -11.85
CA ALA A 440 -29.57 -27.11 -10.59
C ALA A 440 -29.07 -25.78 -10.03
N MET A 441 -27.78 -25.50 -10.22
CA MET A 441 -27.24 -24.25 -9.69
C MET A 441 -27.84 -23.09 -10.46
N LEU A 442 -27.91 -23.22 -11.77
CA LEU A 442 -28.55 -22.22 -12.60
C LEU A 442 -30.03 -22.01 -12.28
N GLU A 443 -30.77 -23.11 -12.12
CA GLU A 443 -32.21 -23.04 -11.87
C GLU A 443 -32.51 -22.36 -10.54
N ASN A 444 -31.60 -22.45 -9.59
CA ASN A 444 -31.89 -21.92 -8.27
C ASN A 444 -31.29 -20.53 -7.99
N THR A 445 -30.91 -19.84 -9.06
CA THR A 445 -30.32 -18.53 -8.98
C THR A 445 -31.07 -17.68 -9.96
N ASP A 446 -31.39 -16.44 -9.59
CA ASP A 446 -31.73 -15.43 -10.57
C ASP A 446 -30.82 -14.24 -10.34
N PHE A 447 -30.87 -13.26 -11.23
CA PHE A 447 -29.95 -12.16 -11.18
C PHE A 447 -30.72 -10.82 -11.20
N PRO A 448 -31.05 -10.27 -10.02
CA PRO A 448 -31.81 -9.00 -9.98
C PRO A 448 -30.99 -7.80 -10.48
N PRO A 449 -31.60 -6.89 -11.26
CA PRO A 449 -30.84 -5.65 -11.53
C PRO A 449 -30.20 -5.04 -10.26
N ALA A 450 -29.08 -4.33 -10.44
CA ALA A 450 -28.35 -3.77 -9.31
C ALA A 450 -29.20 -2.67 -8.71
N ASN A 451 -29.11 -2.53 -7.39
CA ASN A 451 -29.76 -1.46 -6.66
C ASN A 451 -29.10 -0.10 -6.95
N ARG A 452 -29.79 0.75 -7.72
CA ARG A 452 -29.16 1.94 -8.29
C ARG A 452 -28.89 3.13 -7.32
N GLU A 453 -29.39 3.03 -6.09
CA GLU A 453 -29.02 3.97 -5.06
C GLU A 453 -27.59 3.74 -4.55
N TYR A 454 -27.17 2.49 -4.58
CA TYR A 454 -25.82 2.06 -4.22
C TYR A 454 -24.92 1.91 -5.45
N PHE A 455 -25.48 1.50 -6.58
CA PHE A 455 -24.71 1.23 -7.80
C PHE A 455 -25.33 1.91 -9.01
N ARG A 456 -25.16 3.22 -9.10
CA ARG A 456 -25.84 4.01 -10.12
C ARG A 456 -25.57 3.41 -11.50
N GLY A 457 -24.39 2.83 -11.66
CA GLY A 457 -23.98 2.39 -12.99
C GLY A 457 -24.64 1.14 -13.48
N GLY A 458 -25.43 0.49 -12.63
CA GLY A 458 -26.18 -0.70 -13.02
C GLY A 458 -25.49 -2.03 -12.83
N GLY A 459 -25.80 -2.97 -13.73
CA GLY A 459 -25.41 -4.37 -13.54
C GLY A 459 -26.51 -5.23 -12.94
N PHE A 460 -26.16 -6.42 -12.49
CA PHE A 460 -27.09 -7.42 -11.97
C PHE A 460 -26.38 -8.18 -10.88
N SER A 461 -27.08 -8.39 -9.77
CA SER A 461 -26.53 -9.14 -8.69
C SER A 461 -26.91 -10.62 -8.82
N THR A 462 -26.56 -11.41 -7.79
CA THR A 462 -26.67 -12.86 -7.80
C THR A 462 -27.49 -13.22 -6.57
N ARG A 463 -28.57 -13.96 -6.75
CA ARG A 463 -29.47 -14.20 -5.63
C ARG A 463 -29.79 -15.66 -5.56
N PHE A 464 -29.46 -16.26 -4.43
CA PHE A 464 -29.83 -17.63 -4.16
C PHE A 464 -29.78 -17.85 -2.66
N LEU A 465 -30.16 -19.05 -2.25
CA LEU A 465 -30.09 -19.39 -0.87
C LEU A 465 -29.34 -20.73 -0.70
N THR A 466 -28.26 -20.71 0.08
CA THR A 466 -27.44 -21.91 0.23
C THR A 466 -28.24 -22.93 1.02
N LYS A 467 -28.29 -24.17 0.54
CA LYS A 467 -28.98 -25.23 1.25
C LYS A 467 -28.43 -25.40 2.65
N GLY A 468 -29.28 -25.85 3.57
CA GLY A 468 -28.88 -26.02 4.96
C GLY A 468 -28.22 -27.38 5.21
N ASP A 469 -27.75 -27.53 6.45
CA ASP A 469 -27.12 -28.75 6.89
C ASP A 469 -25.80 -29.12 6.17
N MET A 470 -25.16 -28.13 5.52
CA MET A 470 -23.87 -28.35 4.87
C MET A 470 -22.73 -27.95 5.79
N PRO A 471 -21.82 -28.89 6.14
CA PRO A 471 -20.65 -28.53 6.96
C PRO A 471 -19.76 -27.56 6.21
N VAL A 472 -19.31 -26.52 6.90
CA VAL A 472 -18.45 -25.48 6.32
C VAL A 472 -17.43 -24.93 7.32
N THR A 473 -16.45 -24.19 6.83
CA THR A 473 -15.51 -23.45 7.67
C THR A 473 -15.46 -22.00 7.20
N MET A 474 -15.61 -21.07 8.14
CA MET A 474 -15.41 -19.66 7.81
C MET A 474 -14.02 -19.22 8.23
N VAL A 475 -13.36 -18.47 7.36
CA VAL A 475 -11.94 -18.20 7.53
C VAL A 475 -11.64 -16.74 7.26
N ARG A 476 -10.74 -16.18 8.06
CA ARG A 476 -10.25 -14.81 7.81
C ARG A 476 -8.81 -14.55 8.24
N LEU A 477 -8.09 -13.92 7.32
CA LEU A 477 -6.75 -13.46 7.58
C LEU A 477 -6.84 -11.97 7.87
N ASN A 478 -6.26 -11.52 8.98
CA ASN A 478 -6.13 -10.09 9.27
C ASN A 478 -4.69 -9.64 9.48
N LEU A 479 -4.35 -8.42 9.04
CA LEU A 479 -3.07 -7.83 9.37
C LEU A 479 -3.14 -7.06 10.71
N LEU A 480 -2.25 -7.41 11.64
CA LEU A 480 -2.14 -6.74 12.94
C LEU A 480 -0.85 -5.99 12.90
N LYS A 481 -0.91 -4.66 13.08
CA LYS A 481 0.26 -3.80 12.97
C LYS A 481 1.42 -4.25 13.89
N GLY A 482 2.62 -4.39 13.36
CA GLY A 482 3.79 -4.69 14.17
C GLY A 482 3.88 -6.16 14.50
N VAL A 483 2.98 -6.99 13.96
CA VAL A 483 3.07 -8.42 14.22
C VAL A 483 3.01 -9.14 12.88
N GLY A 484 1.96 -8.83 12.10
CA GLY A 484 1.80 -9.34 10.76
C GLY A 484 0.44 -9.97 10.58
N PRO A 485 0.33 -10.95 9.66
CA PRO A 485 -0.94 -11.63 9.47
C PRO A 485 -1.23 -12.55 10.65
N VAL A 486 -2.51 -12.57 11.05
CA VAL A 486 -3.06 -13.58 11.94
C VAL A 486 -4.33 -14.25 11.35
N LEU A 487 -4.50 -15.54 11.64
CA LEU A 487 -5.58 -16.35 11.06
C LEU A 487 -6.69 -16.69 12.07
N GLN A 488 -7.94 -16.51 11.68
CA GLN A 488 -9.07 -16.98 12.47
C GLN A 488 -9.99 -17.95 11.70
N ILE A 489 -10.48 -18.96 12.43
CA ILE A 489 -11.16 -20.10 11.83
C ILE A 489 -12.39 -20.43 12.68
N ALA A 490 -13.54 -20.55 12.01
CA ALA A 490 -14.77 -21.06 12.64
C ALA A 490 -15.39 -22.21 11.82
N GLU A 491 -15.24 -23.44 12.30
CA GLU A 491 -16.00 -24.56 11.70
C GLU A 491 -17.45 -24.46 12.14
N GLY A 492 -18.37 -24.84 11.27
CA GLY A 492 -19.78 -24.85 11.62
C GLY A 492 -20.61 -25.51 10.53
N TYR A 493 -21.87 -25.10 10.44
CA TYR A 493 -22.86 -25.66 9.51
C TYR A 493 -23.73 -24.57 8.86
N THR A 494 -24.11 -24.76 7.59
CA THR A 494 -25.19 -23.91 7.05
C THR A 494 -26.53 -24.34 7.65
N LEU A 495 -27.52 -23.47 7.55
CA LEU A 495 -28.82 -23.63 8.19
C LEU A 495 -29.96 -23.59 7.19
N GLU A 496 -30.98 -24.40 7.41
CA GLU A 496 -32.28 -24.16 6.73
C GLU A 496 -33.31 -23.62 7.72
N LEU A 497 -33.84 -22.45 7.43
CA LEU A 497 -34.83 -21.89 8.34
C LEU A 497 -36.24 -22.18 7.85
N PRO A 498 -37.19 -22.23 8.78
CA PRO A 498 -38.60 -22.21 8.34
C PRO A 498 -38.77 -21.18 7.23
N GLU A 499 -39.46 -21.59 6.17
CA GLU A 499 -39.63 -20.76 4.98
C GLU A 499 -40.07 -19.31 5.26
N ASP A 500 -40.95 -19.11 6.22
CA ASP A 500 -41.51 -17.77 6.44
C ASP A 500 -40.54 -16.95 7.33
N VAL A 501 -39.80 -17.64 8.19
CA VAL A 501 -38.73 -17.03 8.97
C VAL A 501 -37.61 -16.55 8.06
N HIS A 502 -37.14 -17.42 7.18
CA HIS A 502 -36.22 -16.99 6.13
C HIS A 502 -36.68 -15.75 5.34
N HIS A 503 -37.94 -15.70 4.93
CA HIS A 503 -38.38 -14.63 4.06
C HIS A 503 -38.49 -13.32 4.85
N THR A 504 -38.78 -13.42 6.15
CA THR A 504 -38.92 -12.21 6.95
C THR A 504 -37.54 -11.61 7.14
N LEU A 505 -36.57 -12.45 7.54
CA LEU A 505 -35.20 -11.98 7.80
C LEU A 505 -34.56 -11.44 6.53
N ASP A 506 -34.71 -12.20 5.44
CA ASP A 506 -34.21 -11.81 4.11
C ASP A 506 -34.75 -10.43 3.67
N ASN A 507 -36.07 -10.33 3.52
CA ASN A 507 -36.73 -9.09 3.02
C ASN A 507 -36.37 -7.80 3.75
N ARG A 508 -36.07 -7.87 5.05
CA ARG A 508 -35.66 -6.66 5.77
C ARG A 508 -34.14 -6.41 5.79
N THR A 509 -33.38 -7.20 5.04
CA THR A 509 -31.94 -7.06 4.98
C THR A 509 -31.51 -6.63 3.57
N ASP A 510 -31.29 -7.59 2.67
CA ASP A 510 -31.03 -7.25 1.26
C ASP A 510 -31.45 -8.39 0.31
N PRO A 511 -32.74 -8.42 -0.06
CA PRO A 511 -33.29 -9.63 -0.70
C PRO A 511 -32.81 -9.80 -2.13
N GLY A 512 -32.09 -8.81 -2.66
CA GLY A 512 -31.48 -8.87 -3.99
C GLY A 512 -30.12 -9.59 -4.02
N TRP A 513 -29.59 -9.93 -2.85
CA TRP A 513 -28.27 -10.58 -2.76
C TRP A 513 -28.38 -12.01 -2.26
N PRO A 514 -27.27 -12.79 -2.36
CA PRO A 514 -27.23 -14.21 -2.02
C PRO A 514 -26.98 -14.47 -0.53
N THR A 515 -27.70 -15.46 0.02
CA THR A 515 -27.70 -15.72 1.46
C THR A 515 -27.16 -17.09 1.87
N THR A 516 -26.38 -17.10 2.94
CA THR A 516 -26.05 -18.31 3.68
C THR A 516 -26.30 -18.11 5.16
N TRP A 517 -27.01 -19.03 5.78
CA TRP A 517 -27.27 -18.94 7.21
C TRP A 517 -26.25 -19.82 7.90
N PHE A 518 -25.46 -19.26 8.81
CA PHE A 518 -24.32 -19.98 9.38
C PHE A 518 -24.39 -20.06 10.88
N ALA A 519 -24.14 -21.25 11.40
CA ALA A 519 -24.00 -21.48 12.83
C ALA A 519 -22.62 -22.10 13.13
N PRO A 520 -21.78 -21.37 13.88
CA PRO A 520 -20.47 -21.89 14.25
C PRO A 520 -20.61 -22.92 15.41
N ARG A 521 -19.77 -23.95 15.41
CA ARG A 521 -19.72 -24.89 16.53
C ARG A 521 -19.19 -24.17 17.76
N LEU A 522 -19.89 -24.30 18.88
CA LEU A 522 -19.45 -23.69 20.13
C LEU A 522 -18.62 -24.67 20.91
N THR A 523 -17.70 -24.19 21.75
CA THR A 523 -16.90 -25.14 22.52
C THR A 523 -16.85 -24.77 24.00
N GLY A 524 -17.43 -23.63 24.36
CA GLY A 524 -17.22 -23.04 25.70
C GLY A 524 -15.80 -22.60 26.00
N LYS A 525 -14.91 -22.65 25.01
CA LYS A 525 -13.55 -22.13 25.16
C LYS A 525 -13.46 -20.85 24.33
N GLY A 526 -12.80 -19.85 24.89
CA GLY A 526 -12.27 -18.71 24.14
C GLY A 526 -13.40 -17.84 23.60
N ALA A 527 -13.37 -17.61 22.28
CA ALA A 527 -14.41 -16.82 21.62
C ALA A 527 -15.57 -17.70 21.15
N PHE A 528 -15.57 -19.00 21.48
CA PHE A 528 -16.62 -19.94 21.10
C PHE A 528 -17.51 -20.40 22.26
N LYS A 529 -17.75 -19.48 23.19
CA LYS A 529 -18.71 -19.69 24.25
C LYS A 529 -20.15 -19.39 23.77
N SER A 530 -20.31 -18.50 22.79
CA SER A 530 -21.64 -18.25 22.24
C SER A 530 -21.47 -17.77 20.81
N VAL A 531 -22.54 -17.80 20.02
CA VAL A 531 -22.44 -17.40 18.62
C VAL A 531 -22.15 -15.89 18.54
N TYR A 532 -22.67 -15.13 19.50
CA TYR A 532 -22.39 -13.69 19.56
C TYR A 532 -20.89 -13.45 19.70
N ASP A 533 -20.27 -14.13 20.66
CA ASP A 533 -18.83 -14.02 20.84
C ASP A 533 -18.01 -14.27 19.55
N VAL A 534 -18.47 -15.23 18.74
CA VAL A 534 -17.81 -15.53 17.49
C VAL A 534 -17.86 -14.29 16.60
N MET A 535 -19.02 -13.68 16.47
CA MET A 535 -19.12 -12.49 15.67
C MET A 535 -18.38 -11.30 16.30
N ASN A 536 -18.48 -11.19 17.61
CA ASN A 536 -17.90 -10.05 18.33
C ASN A 536 -16.38 -10.06 18.19
N ASN A 537 -15.82 -11.25 17.95
CA ASN A 537 -14.39 -11.39 17.75
C ASN A 537 -13.99 -11.55 16.30
N TRP A 538 -14.93 -11.44 15.37
CA TRP A 538 -14.53 -11.56 14.00
C TRP A 538 -13.82 -10.29 13.55
N GLY A 539 -12.61 -10.45 12.99
CA GLY A 539 -11.70 -9.33 12.74
C GLY A 539 -11.92 -8.44 11.51
N ALA A 540 -12.83 -8.80 10.62
CA ALA A 540 -13.17 -7.95 9.44
C ALA A 540 -14.67 -8.05 9.17
N ASN A 541 -15.18 -7.27 8.22
CA ASN A 541 -16.57 -7.41 7.78
C ASN A 541 -16.74 -8.57 6.81
N HIS A 542 -15.63 -9.12 6.29
CA HIS A 542 -15.64 -10.28 5.37
C HIS A 542 -15.13 -11.63 5.93
N GLY A 543 -15.60 -12.71 5.31
CA GLY A 543 -15.17 -14.06 5.65
C GLY A 543 -15.04 -14.83 4.35
N ALA A 544 -14.21 -15.87 4.33
CA ALA A 544 -14.21 -16.79 3.22
C ALA A 544 -14.80 -18.09 3.72
N ILE A 545 -15.70 -18.69 2.94
CA ILE A 545 -16.42 -19.85 3.43
C ILE A 545 -16.30 -21.00 2.46
N THR A 546 -15.86 -22.13 2.99
CA THR A 546 -15.56 -23.31 2.19
C THR A 546 -16.47 -24.44 2.64
N TYR A 547 -16.89 -25.25 1.69
CA TYR A 547 -17.33 -26.59 2.04
C TYR A 547 -16.28 -27.32 2.88
N GLY A 548 -16.74 -28.01 3.92
CA GLY A 548 -15.90 -28.92 4.67
C GLY A 548 -15.45 -28.38 6.00
N HIS A 549 -15.11 -29.28 6.90
CA HIS A 549 -14.43 -28.89 8.12
C HIS A 549 -12.92 -29.04 7.96
N ILE A 550 -12.27 -27.93 7.60
CA ILE A 550 -10.84 -27.95 7.25
C ILE A 550 -9.94 -27.19 8.24
N GLY A 551 -10.42 -26.97 9.46
CA GLY A 551 -9.71 -26.17 10.46
C GLY A 551 -8.32 -26.70 10.78
N ALA A 552 -8.21 -28.02 10.95
CA ALA A 552 -6.96 -28.67 11.29
C ALA A 552 -5.94 -28.48 10.17
N ASP A 553 -6.42 -28.48 8.92
CA ASP A 553 -5.59 -28.26 7.74
C ASP A 553 -5.08 -26.79 7.69
N LEU A 554 -5.95 -25.86 8.02
CA LEU A 554 -5.57 -24.46 8.10
C LEU A 554 -4.53 -24.27 9.20
N ILE A 555 -4.68 -24.95 10.32
CA ILE A 555 -3.78 -24.73 11.44
C ILE A 555 -2.36 -25.19 11.02
N THR A 556 -2.29 -26.34 10.39
CA THR A 556 -1.03 -26.88 9.91
C THR A 556 -0.43 -25.94 8.87
N LEU A 557 -1.26 -25.47 7.93
CA LEU A 557 -0.77 -24.58 6.87
C LEU A 557 -0.26 -23.27 7.50
N ALA A 558 -0.99 -22.78 8.48
CA ALA A 558 -0.65 -21.53 9.14
C ALA A 558 0.75 -21.66 9.75
N SER A 559 1.02 -22.82 10.31
CA SER A 559 2.22 -22.99 11.07
C SER A 559 3.40 -23.13 10.11
N MET A 560 3.14 -23.67 8.92
CA MET A 560 4.13 -23.72 7.84
C MET A 560 4.60 -22.35 7.41
N LEU A 561 3.68 -21.40 7.40
CA LEU A 561 3.92 -20.05 6.91
C LEU A 561 4.19 -19.09 8.07
N ARG A 562 4.20 -19.64 9.30
CA ARG A 562 4.45 -18.86 10.53
C ARG A 562 3.44 -17.73 10.79
N ILE A 563 2.18 -17.99 10.46
CA ILE A 563 1.07 -17.09 10.73
C ILE A 563 0.39 -17.61 11.98
N PRO A 564 0.41 -16.83 13.07
CA PRO A 564 -0.30 -17.28 14.27
C PRO A 564 -1.81 -17.38 14.07
N VAL A 565 -2.42 -18.31 14.80
CA VAL A 565 -3.87 -18.49 14.77
C VAL A 565 -4.50 -17.85 16.01
N ASN A 566 -5.28 -16.79 15.82
CA ASN A 566 -5.73 -16.06 16.99
C ASN A 566 -6.98 -16.64 17.59
N MET A 567 -7.65 -17.45 16.81
CA MET A 567 -8.98 -17.85 17.15
C MET A 567 -9.37 -19.03 16.26
N HIS A 568 -9.75 -20.16 16.86
CA HIS A 568 -10.27 -21.33 16.11
C HIS A 568 -11.08 -22.22 17.08
N ASN A 569 -12.01 -23.01 16.54
CA ASN A 569 -12.78 -23.98 17.31
C ASN A 569 -12.43 -25.43 16.94
N VAL A 570 -11.17 -25.67 16.61
CA VAL A 570 -10.70 -27.00 16.25
C VAL A 570 -10.30 -27.74 17.50
N PRO A 571 -10.62 -29.04 17.61
CA PRO A 571 -10.23 -29.71 18.86
C PRO A 571 -8.70 -29.84 19.02
N GLU A 572 -8.21 -29.62 20.23
CA GLU A 572 -6.78 -29.62 20.52
C GLU A 572 -6.03 -30.88 20.05
N GLU A 573 -6.63 -32.06 20.20
CA GLU A 573 -6.06 -33.32 19.66
C GLU A 573 -5.74 -33.29 18.15
N ASP A 574 -6.46 -32.50 17.36
CA ASP A 574 -6.19 -32.44 15.92
C ASP A 574 -5.11 -31.43 15.52
N ILE A 575 -4.69 -30.55 16.44
CA ILE A 575 -3.68 -29.53 16.17
C ILE A 575 -2.34 -30.19 15.84
N PHE A 576 -1.79 -29.89 14.67
CA PHE A 576 -0.62 -30.60 14.17
C PHE A 576 0.33 -29.57 13.58
N ARG A 577 1.41 -29.33 14.32
CA ARG A 577 2.32 -28.22 14.10
C ARG A 577 3.74 -28.77 14.07
N PRO A 578 4.73 -27.95 13.62
CA PRO A 578 6.09 -28.52 13.63
C PRO A 578 6.50 -28.87 15.05
N LYS A 579 7.39 -29.83 15.18
CA LYS A 579 7.69 -30.34 16.50
C LYS A 579 8.37 -29.32 17.41
N ASN A 580 9.06 -28.34 16.83
CA ASN A 580 9.72 -27.39 17.70
C ASN A 580 8.77 -26.40 18.31
N TRP A 581 7.55 -26.31 17.79
CA TRP A 581 6.53 -25.54 18.52
C TRP A 581 6.37 -26.04 19.95
N SER A 582 6.53 -27.34 20.18
CA SER A 582 6.22 -27.77 21.51
C SER A 582 7.30 -27.25 22.48
N LEU A 583 8.49 -26.98 21.97
CA LEU A 583 9.54 -26.41 22.85
C LEU A 583 9.24 -24.95 23.29
N PHE A 584 8.32 -24.27 22.61
CA PHE A 584 7.88 -22.95 23.07
C PHE A 584 6.79 -23.06 24.13
N GLY A 585 6.35 -24.29 24.41
CA GLY A 585 5.33 -24.55 25.45
C GLY A 585 4.31 -25.61 25.07
N THR A 586 3.91 -26.43 26.06
CA THR A 586 2.90 -27.49 25.82
C THR A 586 1.54 -27.18 26.44
N GLU A 587 1.49 -26.22 27.34
CA GLU A 587 0.24 -25.98 28.06
C GLU A 587 -0.61 -24.93 27.37
N ASP A 588 0.05 -23.82 27.06
CA ASP A 588 -0.54 -22.59 26.58
C ASP A 588 -0.28 -22.55 25.08
N LEU A 589 -0.95 -23.42 24.33
CA LEU A 589 -0.60 -23.58 22.92
C LEU A 589 -0.68 -22.26 22.10
N GLU A 590 -1.72 -21.47 22.32
CA GLU A 590 -1.85 -20.21 21.62
C GLU A 590 -0.59 -19.33 21.82
N SER A 591 -0.20 -19.09 23.06
CA SER A 591 1.01 -18.30 23.32
C SER A 591 2.27 -18.90 22.70
N ALA A 592 2.39 -20.23 22.79
CA ALA A 592 3.54 -20.88 22.22
C ALA A 592 3.58 -20.65 20.71
N ASP A 593 2.41 -20.72 20.09
CA ASP A 593 2.27 -20.43 18.67
C ASP A 593 2.74 -19.01 18.29
N TYR A 594 2.27 -17.99 19.01
CA TYR A 594 2.70 -16.61 18.82
C TYR A 594 4.20 -16.47 19.04
N ARG A 595 4.74 -17.04 20.13
CA ARG A 595 6.16 -17.00 20.35
C ARG A 595 6.93 -17.63 19.20
N ALA A 596 6.46 -18.78 18.68
CA ALA A 596 7.20 -19.49 17.61
C ALA A 596 7.24 -18.68 16.30
N CYS A 597 6.06 -18.22 15.89
CA CYS A 597 5.91 -17.40 14.70
C CYS A 597 6.72 -16.10 14.81
N GLN A 598 6.59 -15.40 15.93
CA GLN A 598 7.37 -14.20 16.24
C GLN A 598 8.88 -14.48 16.04
N LEU A 599 9.40 -15.52 16.68
CA LEU A 599 10.80 -15.77 16.62
C LEU A 599 11.25 -16.19 15.22
N LEU A 600 10.55 -17.18 14.63
CA LEU A 600 10.91 -17.74 13.33
C LEU A 600 10.71 -16.72 12.19
N GLY A 601 9.59 -15.98 12.22
CA GLY A 601 9.27 -14.98 11.18
C GLY A 601 8.82 -15.61 9.88
N PRO A 602 8.41 -14.79 8.92
CA PRO A 602 7.92 -15.32 7.62
C PRO A 602 9.02 -16.09 6.92
N LEU A 603 8.64 -16.95 5.98
CA LEU A 603 9.62 -17.74 5.21
C LEU A 603 10.64 -16.93 4.36
N HIS A 604 10.20 -15.84 3.73
CA HIS A 604 10.99 -15.15 2.74
C HIS A 604 11.30 -13.67 3.19
N LYS A 605 11.79 -13.51 4.43
CA LYS A 605 12.17 -12.21 5.02
C LYS A 605 13.22 -11.55 4.16
N HIS B 1 -16.89 26.16 4.43
CA HIS B 1 -17.74 25.19 5.18
C HIS B 1 -19.03 25.85 5.61
N HIS B 2 -20.14 25.45 5.00
CA HIS B 2 -21.46 25.68 5.59
C HIS B 2 -22.20 24.33 5.69
N HIS B 3 -23.23 24.25 6.52
CA HIS B 3 -24.00 22.99 6.58
C HIS B 3 -24.95 22.88 5.36
N HIS B 4 -25.01 21.71 4.74
CA HIS B 4 -26.00 21.38 3.69
C HIS B 4 -27.44 21.42 4.27
N HIS B 5 -28.42 21.95 3.50
CA HIS B 5 -29.85 21.93 3.88
C HIS B 5 -30.37 20.60 4.47
N SER B 6 -29.92 19.44 3.95
CA SER B 6 -30.17 18.13 4.63
C SER B 6 -28.99 17.41 5.32
N SER B 7 -27.86 17.19 4.63
CA SER B 7 -26.85 16.28 5.19
C SER B 7 -25.43 16.77 5.51
N GLY B 8 -24.59 17.00 4.54
CA GLY B 8 -23.18 17.06 4.92
C GLY B 8 -22.60 18.44 5.23
N LEU B 9 -21.29 18.53 5.06
CA LEU B 9 -20.67 19.82 4.74
C LEU B 9 -20.52 20.00 3.21
N VAL B 10 -20.58 21.27 2.79
CA VAL B 10 -20.16 21.67 1.45
C VAL B 10 -19.31 22.94 1.53
N PRO B 11 -18.36 23.11 0.57
CA PRO B 11 -17.59 24.37 0.57
C PRO B 11 -18.46 25.56 0.12
N ARG B 12 -18.21 26.76 0.65
CA ARG B 12 -18.70 28.02 0.03
C ARG B 12 -17.60 29.08 0.23
N GLY B 13 -17.43 29.97 -0.75
CA GLY B 13 -16.34 30.95 -0.72
C GLY B 13 -15.10 30.46 -1.46
N ALA B 14 -14.02 30.17 -0.73
CA ALA B 14 -12.85 29.48 -1.32
C ALA B 14 -13.13 27.98 -1.46
N HIS B 15 -12.07 27.19 -1.66
CA HIS B 15 -12.16 25.72 -1.70
C HIS B 15 -12.63 25.10 -0.37
N MET B 16 -12.86 23.78 -0.36
CA MET B 16 -13.07 23.01 0.88
C MET B 16 -11.77 22.90 1.73
N ALA B 17 -10.69 22.48 1.08
CA ALA B 17 -9.36 22.48 1.68
C ALA B 17 -8.76 23.90 1.68
N MET B 18 -8.63 24.47 2.87
CA MET B 18 -7.85 25.68 3.08
C MET B 18 -6.42 25.23 3.42
N ILE B 19 -5.45 26.13 3.20
CA ILE B 19 -4.13 25.99 3.82
C ILE B 19 -4.32 26.28 5.31
N GLN B 20 -3.73 25.44 6.19
CA GLN B 20 -3.84 25.61 7.66
C GLN B 20 -2.98 26.77 8.15
N HIS B 21 -3.24 27.23 9.38
CA HIS B 21 -2.38 28.23 10.01
C HIS B 21 -1.75 27.75 11.33
N PRO B 22 -0.82 26.77 11.29
CA PRO B 22 -0.19 26.35 12.56
C PRO B 22 0.49 27.54 13.27
N ARG B 23 0.42 27.58 14.59
CA ARG B 23 1.07 28.66 15.36
C ARG B 23 2.39 28.21 15.93
N ILE B 24 3.25 29.15 16.24
CA ILE B 24 4.39 28.85 17.07
C ILE B 24 4.16 29.42 18.44
N GLY B 25 4.30 28.54 19.45
CA GLY B 25 4.06 28.88 20.86
C GLY B 25 5.35 29.32 21.51
N ILE B 26 5.33 30.54 22.07
CA ILE B 26 6.51 31.14 22.67
C ILE B 26 6.35 31.19 24.17
N ARG B 27 7.34 30.66 24.86
CA ARG B 27 7.23 30.40 26.29
C ARG B 27 8.35 31.20 27.01
N PRO B 28 8.00 32.31 27.64
CA PRO B 28 9.05 33.01 28.38
C PRO B 28 9.17 32.43 29.78
N THR B 29 10.32 31.87 30.11
CA THR B 29 10.53 31.29 31.43
C THR B 29 11.37 32.22 32.28
N ILE B 30 11.11 32.20 33.57
CA ILE B 30 11.70 33.18 34.48
C ILE B 30 12.02 32.50 35.78
N ASP B 31 12.92 33.11 36.55
CA ASP B 31 13.29 32.66 37.91
C ASP B 31 12.06 32.83 38.79
N GLY B 32 11.79 31.83 39.64
CA GLY B 32 10.55 31.83 40.46
C GLY B 32 10.58 32.78 41.65
N ARG B 33 11.79 33.09 42.13
CA ARG B 33 11.96 33.91 43.36
C ARG B 33 11.38 35.32 43.25
N ARG B 34 10.49 35.65 44.17
CA ARG B 34 9.96 37.00 44.19
C ARG B 34 10.72 37.93 45.14
N GLN B 35 10.05 39.00 45.61
CA GLN B 35 10.66 39.96 46.54
C GLN B 35 11.99 40.43 45.96
N GLY B 36 12.04 40.62 44.65
CA GLY B 36 13.21 41.21 44.00
C GLY B 36 13.56 40.68 42.61
N VAL B 37 14.10 39.47 42.59
CA VAL B 37 14.63 38.86 41.38
C VAL B 37 13.61 38.81 40.24
N ARG B 38 12.46 38.16 40.45
CA ARG B 38 11.51 37.88 39.36
C ARG B 38 11.00 39.17 38.73
N GLU B 39 10.53 40.06 39.61
CA GLU B 39 9.96 41.36 39.22
C GLU B 39 10.96 42.15 38.40
N SER B 40 12.24 42.06 38.75
CA SER B 40 13.25 42.78 38.02
C SER B 40 13.55 42.14 36.66
N LEU B 41 13.16 40.89 36.47
CA LEU B 41 13.42 40.22 35.18
C LEU B 41 12.21 40.19 34.25
N GLU B 42 11.01 40.49 34.78
CA GLU B 42 9.78 40.33 33.98
C GLU B 42 9.89 40.98 32.60
N VAL B 43 10.33 42.23 32.59
CA VAL B 43 10.24 43.06 31.41
C VAL B 43 11.28 42.59 30.38
N GLN B 44 12.52 42.37 30.81
CA GLN B 44 13.52 41.87 29.88
C GLN B 44 13.12 40.52 29.26
N THR B 45 12.38 39.71 30.01
CA THR B 45 12.07 38.33 29.63
C THR B 45 10.95 38.36 28.61
N MET B 46 9.89 39.08 28.96
CA MET B 46 8.71 39.13 28.11
C MET B 46 9.03 39.84 26.78
N ASN B 47 10.03 40.73 26.81
CA ASN B 47 10.48 41.38 25.58
C ASN B 47 11.12 40.38 24.63
N MET B 48 12.00 39.52 25.17
CA MET B 48 12.62 38.45 24.40
C MET B 48 11.52 37.68 23.63
N ALA B 49 10.45 37.31 24.33
CA ALA B 49 9.31 36.67 23.71
C ALA B 49 8.68 37.52 22.59
N LYS B 50 8.44 38.80 22.87
CA LYS B 50 7.81 39.69 21.88
C LYS B 50 8.70 39.83 20.66
N SER B 51 10.01 39.99 20.89
CA SER B 51 10.91 40.15 19.77
C SER B 51 11.01 38.89 18.90
N VAL B 52 10.99 37.71 19.51
CA VAL B 52 10.92 36.46 18.74
C VAL B 52 9.63 36.38 17.91
N ALA B 53 8.48 36.71 18.53
CA ALA B 53 7.20 36.72 17.80
C ALA B 53 7.19 37.68 16.60
N ASP B 54 7.72 38.89 16.80
CA ASP B 54 7.81 39.85 15.71
C ASP B 54 8.75 39.37 14.61
N LEU B 55 9.90 38.79 14.99
CA LEU B 55 10.84 38.25 14.00
C LEU B 55 10.15 37.27 13.04
N ILE B 56 9.44 36.31 13.62
CA ILE B 56 8.82 35.25 12.86
C ILE B 56 7.66 35.78 12.04
N SER B 57 6.77 36.53 12.70
CA SER B 57 5.55 37.04 12.06
C SER B 57 5.81 38.09 10.99
N SER B 58 6.93 38.77 11.10
CA SER B 58 7.22 39.80 10.14
C SER B 58 8.07 39.24 9.00
N THR B 59 8.55 38.01 9.11
CA THR B 59 9.48 37.43 8.10
C THR B 59 8.92 36.24 7.34
N LEU B 60 8.10 35.43 7.98
CA LEU B 60 7.66 34.16 7.39
C LEU B 60 6.19 34.21 6.98
N LYS B 61 5.84 33.48 5.93
CA LYS B 61 4.45 33.47 5.48
C LYS B 61 3.96 32.06 5.31
N TYR B 62 2.65 31.88 5.41
CA TYR B 62 2.08 30.58 5.11
C TYR B 62 1.99 30.47 3.59
N PRO B 63 1.79 29.24 3.10
CA PRO B 63 1.66 29.03 1.67
C PRO B 63 0.61 29.92 0.99
N ASP B 64 -0.26 30.55 1.78
CA ASP B 64 -1.33 31.40 1.21
C ASP B 64 -0.94 32.89 1.28
N GLY B 65 0.32 33.17 1.62
CA GLY B 65 0.81 34.55 1.67
C GLY B 65 0.52 35.34 2.95
N GLU B 66 -0.37 34.84 3.82
CA GLU B 66 -0.59 35.41 5.16
C GLU B 66 0.63 35.31 6.08
N PRO B 67 0.81 36.31 6.97
CA PRO B 67 1.91 36.27 7.91
C PRO B 67 1.69 35.17 8.98
N VAL B 68 2.76 34.43 9.29
CA VAL B 68 2.74 33.36 10.28
C VAL B 68 2.27 33.94 11.61
N GLU B 69 1.52 33.14 12.36
CA GLU B 69 0.97 33.56 13.66
C GLU B 69 1.70 32.94 14.88
N CYS B 70 1.97 33.78 15.87
CA CYS B 70 2.59 33.36 17.13
C CYS B 70 1.66 33.54 18.32
N VAL B 71 1.85 32.71 19.35
CA VAL B 71 1.14 32.81 20.63
C VAL B 71 2.13 32.78 21.77
N ILE B 72 2.00 33.74 22.68
CA ILE B 72 2.83 33.82 23.88
C ILE B 72 2.09 33.21 25.06
N SER B 73 2.80 32.51 25.95
CA SER B 73 2.19 32.02 27.18
C SER B 73 1.40 33.11 27.88
N PRO B 74 0.36 32.72 28.62
CA PRO B 74 -0.46 33.75 29.28
C PRO B 74 0.31 34.55 30.34
N SER B 75 1.43 34.02 30.81
CA SER B 75 2.32 34.76 31.72
C SER B 75 3.76 34.25 31.60
N THR B 76 4.73 34.90 32.24
CA THR B 76 6.02 34.27 32.39
C THR B 76 5.91 32.97 33.22
N ILE B 77 6.89 32.10 33.05
CA ILE B 77 6.78 30.74 33.54
C ILE B 77 7.92 30.55 34.50
N GLY B 78 7.56 30.50 35.79
CA GLY B 78 8.54 30.33 36.86
C GLY B 78 8.26 29.09 37.71
N ARG B 79 7.00 28.65 37.71
CA ARG B 79 6.62 27.47 38.45
C ARG B 79 5.62 26.63 37.65
N VAL B 80 5.55 25.35 37.97
CA VAL B 80 4.78 24.45 37.13
C VAL B 80 3.36 24.93 36.78
N PRO B 81 2.62 25.55 37.73
CA PRO B 81 1.22 25.87 37.35
C PRO B 81 1.17 26.91 36.25
N GLU B 82 2.24 27.69 36.13
CA GLU B 82 2.37 28.59 34.98
C GLU B 82 2.66 27.86 33.63
N ALA B 83 3.54 26.87 33.67
CA ALA B 83 3.67 25.89 32.59
C ALA B 83 2.34 25.21 32.18
N ALA B 84 1.52 24.81 33.16
CA ALA B 84 0.23 24.19 32.87
C ALA B 84 -0.74 25.14 32.19
N ALA B 85 -0.76 26.38 32.65
CA ALA B 85 -1.60 27.40 32.01
C ALA B 85 -1.12 27.61 30.57
N SER B 86 0.20 27.68 30.37
CA SER B 86 0.76 27.74 29.02
C SER B 86 0.29 26.56 28.15
N HIS B 87 0.42 25.35 28.68
CA HIS B 87 0.12 24.17 27.90
C HIS B 87 -1.34 24.16 27.52
N GLU B 88 -2.17 24.73 28.39
CA GLU B 88 -3.62 24.77 28.18
C GLU B 88 -4.00 25.73 27.06
N LEU B 89 -3.29 26.85 26.98
CA LEU B 89 -3.53 27.81 25.93
C LEU B 89 -3.10 27.22 24.58
N PHE B 90 -1.92 26.60 24.56
CA PHE B 90 -1.36 26.08 23.33
C PHE B 90 -2.23 24.98 22.71
N LYS B 91 -2.77 24.10 23.57
CA LYS B 91 -3.67 23.02 23.16
C LYS B 91 -4.89 23.49 22.37
N LYS B 92 -5.39 24.68 22.69
CA LYS B 92 -6.52 25.21 21.95
C LYS B 92 -6.14 26.30 20.92
N SER B 93 -4.85 26.43 20.65
CA SER B 93 -4.36 27.53 19.82
C SER B 93 -3.70 26.99 18.57
N ASN B 94 -3.76 25.68 18.40
CA ASN B 94 -3.22 25.10 17.19
C ASN B 94 -1.68 25.29 17.07
N VAL B 95 -0.98 25.05 18.17
CA VAL B 95 0.45 25.31 18.23
C VAL B 95 1.22 24.12 17.70
N CYS B 96 2.08 24.33 16.71
CA CYS B 96 2.80 23.22 16.07
C CYS B 96 4.22 23.03 16.61
N ALA B 97 4.68 23.94 17.45
CA ALA B 97 6.03 23.88 17.96
C ALA B 97 6.22 25.00 18.95
N THR B 98 7.33 24.96 19.69
CA THR B 98 7.52 25.76 20.89
C THR B 98 8.86 26.45 20.80
N ILE B 99 8.92 27.70 21.25
CA ILE B 99 10.21 28.35 21.54
C ILE B 99 10.23 28.94 22.95
N THR B 100 11.10 28.42 23.80
CA THR B 100 11.28 28.97 25.12
C THR B 100 12.34 30.02 25.05
N VAL B 101 12.08 31.17 25.67
CA VAL B 101 13.11 32.24 25.76
C VAL B 101 13.33 32.63 27.21
N THR B 102 14.59 32.92 27.56
CA THR B 102 14.92 33.37 28.88
C THR B 102 16.26 34.11 28.96
N PRO B 103 16.36 35.09 29.86
CA PRO B 103 17.62 35.73 30.18
C PRO B 103 18.20 35.25 31.52
N CYS B 104 17.49 34.37 32.22
CA CYS B 104 17.94 34.03 33.59
C CYS B 104 17.90 32.54 33.88
N TRP B 105 18.27 32.18 35.11
CA TRP B 105 18.07 30.84 35.61
C TRP B 105 16.59 30.59 35.91
N CYS B 106 16.08 29.42 35.48
CA CYS B 106 14.72 28.95 35.81
C CYS B 106 14.84 27.47 36.11
N TYR B 107 13.77 26.90 36.67
CA TYR B 107 13.84 25.59 37.32
C TYR B 107 13.54 24.41 36.38
N GLY B 108 14.44 24.16 35.46
CA GLY B 108 14.48 22.92 34.69
C GLY B 108 13.14 22.27 34.40
N SER B 109 12.97 21.08 34.95
CA SER B 109 11.78 20.27 34.72
C SER B 109 10.45 20.90 35.21
N GLU B 110 10.52 21.87 36.12
CA GLU B 110 9.32 22.59 36.55
C GLU B 110 8.76 23.47 35.44
N THR B 111 9.62 23.89 34.52
CA THR B 111 9.22 24.91 33.60
C THR B 111 9.14 24.39 32.18
N MET B 112 9.61 23.18 31.93
CA MET B 112 9.79 22.70 30.54
C MET B 112 8.46 22.32 29.89
N ASP B 113 8.41 22.34 28.56
CA ASP B 113 7.26 21.79 27.83
C ASP B 113 7.39 20.29 27.62
N MET B 114 6.34 19.55 28.00
CA MET B 114 6.35 18.07 27.92
C MET B 114 5.78 17.47 26.63
N SER B 115 5.36 18.29 25.67
CA SER B 115 4.69 17.76 24.48
C SER B 115 5.64 16.86 23.70
N PRO B 116 5.27 15.59 23.55
CA PRO B 116 6.21 14.72 22.85
C PRO B 116 6.04 14.80 21.32
N ASP B 117 4.94 15.35 20.83
CA ASP B 117 4.56 15.17 19.41
C ASP B 117 4.90 16.41 18.54
N ILE B 118 5.62 17.36 19.12
CA ILE B 118 6.00 18.63 18.43
C ILE B 118 7.45 19.08 18.72
N PRO B 119 8.04 19.84 17.80
CA PRO B 119 9.39 20.26 18.13
C PRO B 119 9.40 21.33 19.23
N HIS B 120 10.53 21.42 19.94
CA HIS B 120 10.81 22.51 20.89
C HIS B 120 12.18 23.10 20.57
N ALA B 121 12.30 24.42 20.73
CA ALA B 121 13.62 25.08 20.74
C ALA B 121 13.71 25.91 22.02
N ILE B 122 14.93 26.11 22.54
CA ILE B 122 15.17 26.98 23.69
C ILE B 122 16.25 27.97 23.31
N TRP B 123 15.94 29.26 23.51
CA TRP B 123 16.93 30.35 23.34
C TRP B 123 17.32 31.00 24.66
N GLY B 124 18.55 30.75 25.10
CA GLY B 124 19.06 31.36 26.32
C GLY B 124 19.94 32.53 25.95
N PHE B 125 19.58 33.72 26.45
CA PHE B 125 20.34 34.94 26.28
C PHE B 125 21.78 34.74 26.72
N ASN B 126 22.76 35.15 25.92
CA ASN B 126 24.15 35.10 26.35
C ASN B 126 24.48 36.40 27.10
N GLY B 127 24.11 36.44 28.37
CA GLY B 127 24.42 37.59 29.21
C GLY B 127 25.15 37.15 30.46
N THR B 128 25.86 38.08 31.11
CA THR B 128 26.58 37.74 32.33
C THR B 128 25.74 37.87 33.59
N GLU B 129 24.74 38.74 33.58
CA GLU B 129 24.12 39.14 34.85
C GLU B 129 23.30 38.00 35.43
N ARG B 130 22.67 37.23 34.54
CA ARG B 130 22.01 35.99 34.99
C ARG B 130 22.41 34.75 34.19
N PRO B 131 22.28 33.58 34.82
CA PRO B 131 22.62 32.33 34.13
C PRO B 131 21.65 31.88 32.98
N GLY B 132 21.43 32.71 31.96
CA GLY B 132 20.52 32.37 30.84
C GLY B 132 20.93 31.07 30.14
N ALA B 133 22.21 31.05 29.73
CA ALA B 133 22.93 29.91 29.17
C ALA B 133 22.80 28.69 30.06
N VAL B 134 22.89 28.93 31.36
CA VAL B 134 22.94 27.85 32.30
C VAL B 134 21.60 27.16 32.32
N TYR B 135 20.52 27.93 32.24
CA TYR B 135 19.19 27.33 32.12
C TYR B 135 19.14 26.53 30.84
N LEU B 136 19.65 27.15 29.77
CA LEU B 136 19.66 26.56 28.44
C LEU B 136 20.21 25.12 28.50
N ALA B 137 21.42 24.97 29.01
CA ALA B 137 22.02 23.67 29.12
C ALA B 137 21.26 22.75 30.08
N ALA B 138 20.81 23.28 31.21
CA ALA B 138 20.12 22.44 32.21
C ALA B 138 18.87 21.83 31.60
N VAL B 139 18.00 22.69 31.06
CA VAL B 139 16.72 22.22 30.57
C VAL B 139 16.90 21.29 29.36
N LEU B 140 17.91 21.56 28.54
CA LEU B 140 18.22 20.66 27.44
C LEU B 140 18.62 19.28 27.97
N ALA B 141 19.36 19.24 29.10
CA ALA B 141 19.68 17.94 29.71
C ALA B 141 18.44 17.21 30.16
N SER B 142 17.50 17.94 30.78
CA SER B 142 16.22 17.30 31.08
C SER B 142 15.57 16.77 29.81
N HIS B 143 15.49 17.58 28.75
CA HIS B 143 14.96 17.08 27.48
C HIS B 143 15.58 15.75 26.99
N ALA B 144 16.90 15.60 27.16
CA ALA B 144 17.61 14.42 26.68
C ALA B 144 17.45 13.26 27.64
N GLN B 145 17.36 13.57 28.92
CA GLN B 145 17.13 12.55 29.93
C GLN B 145 15.69 12.00 29.82
N LYS B 146 14.78 12.83 29.30
CA LYS B 146 13.36 12.40 29.24
C LYS B 146 12.91 12.03 27.84
N GLY B 147 13.88 11.99 26.91
CA GLY B 147 13.64 11.69 25.49
C GLY B 147 12.59 12.52 24.77
N ILE B 148 12.57 13.81 25.09
CA ILE B 148 11.77 14.77 24.36
C ILE B 148 12.68 15.73 23.60
N PRO B 149 12.84 15.52 22.30
CA PRO B 149 13.87 16.34 21.61
C PRO B 149 13.70 17.87 21.67
N ALA B 150 14.79 18.59 21.90
CA ALA B 150 14.72 20.07 21.84
C ALA B 150 15.96 20.67 21.14
N PHE B 151 15.76 21.76 20.39
CA PHE B 151 16.89 22.49 19.81
C PHE B 151 17.46 23.50 20.83
N GLY B 152 18.79 23.70 20.78
CA GLY B 152 19.47 24.69 21.61
C GLY B 152 19.99 25.88 20.81
N ILE B 153 19.61 27.08 21.21
CA ILE B 153 19.99 28.28 20.47
C ILE B 153 20.75 29.19 21.41
N TYR B 154 22.06 29.27 21.18
CA TYR B 154 22.97 30.04 22.04
C TYR B 154 23.80 30.91 21.13
N GLY B 155 23.72 32.22 21.34
CA GLY B 155 24.52 33.20 20.62
C GLY B 155 26.00 33.18 20.97
N ARG B 156 26.85 33.51 20.00
CA ARG B 156 28.31 33.43 20.15
C ARG B 156 28.87 34.52 21.06
N ASP B 157 28.29 35.72 20.98
CA ASP B 157 28.87 36.91 21.59
C ASP B 157 28.06 37.42 22.78
N VAL B 158 28.68 37.49 23.96
CA VAL B 158 28.03 38.12 25.14
C VAL B 158 27.34 39.46 24.80
N GLN B 159 26.07 39.57 25.13
CA GLN B 159 25.28 40.77 24.90
C GLN B 159 25.13 41.53 26.21
N GLU B 160 24.91 42.84 26.13
CA GLU B 160 24.55 43.65 27.32
C GLU B 160 23.09 43.38 27.67
N ALA B 161 22.81 43.34 28.98
CA ALA B 161 21.43 43.23 29.58
C ALA B 161 20.37 44.09 28.93
N SER B 162 20.74 45.31 28.57
CA SER B 162 19.77 46.27 28.04
C SER B 162 19.58 46.13 26.53
N ASP B 163 20.40 45.29 25.89
CA ASP B 163 20.28 45.08 24.44
C ASP B 163 19.08 44.20 24.05
N THR B 164 18.35 44.61 23.02
CA THR B 164 17.15 43.85 22.66
C THR B 164 17.16 43.41 21.20
N ASP B 165 18.21 43.76 20.46
CA ASP B 165 18.41 43.16 19.15
C ASP B 165 18.58 41.64 19.32
N ILE B 166 18.06 40.88 18.37
CA ILE B 166 18.43 39.50 18.27
C ILE B 166 19.66 39.39 17.37
N PRO B 167 20.76 38.81 17.89
CA PRO B 167 21.97 38.64 17.08
C PRO B 167 21.72 37.82 15.80
N GLU B 168 22.43 38.13 14.71
CA GLU B 168 22.23 37.48 13.42
C GLU B 168 22.35 35.97 13.57
N ASP B 169 23.32 35.52 14.36
CA ASP B 169 23.53 34.07 14.53
C ASP B 169 22.35 33.33 15.20
N VAL B 170 21.79 33.95 16.23
CA VAL B 170 20.55 33.51 16.85
C VAL B 170 19.36 33.58 15.89
N LYS B 171 19.24 34.68 15.15
CA LYS B 171 18.13 34.82 14.19
C LYS B 171 18.12 33.66 13.18
N GLU B 172 19.29 33.32 12.63
CA GLU B 172 19.42 32.28 11.62
C GLU B 172 18.83 30.96 12.16
N LYS B 173 19.18 30.65 13.42
CA LYS B 173 18.73 29.45 14.09
C LYS B 173 17.25 29.50 14.37
N LEU B 174 16.78 30.65 14.82
CA LEU B 174 15.36 30.78 15.14
C LEU B 174 14.51 30.59 13.87
N LEU B 175 15.01 31.08 12.73
CA LEU B 175 14.21 31.08 11.54
C LEU B 175 14.32 29.75 10.80
N ARG B 176 15.49 29.11 10.86
CA ARG B 176 15.62 27.78 10.33
C ARG B 176 14.70 26.87 11.12
N TYR B 177 14.79 26.93 12.45
CA TYR B 177 13.90 26.15 13.31
C TYR B 177 12.42 26.35 12.97
N ALA B 178 12.04 27.62 12.84
CA ALA B 178 10.64 27.96 12.58
C ALA B 178 10.17 27.48 11.22
N ARG B 179 11.00 27.68 10.18
CA ARG B 179 10.60 27.23 8.85
C ARG B 179 10.35 25.73 8.87
N ALA B 180 11.23 24.97 9.53
CA ALA B 180 11.13 23.52 9.53
C ALA B 180 9.93 23.08 10.34
N ALA B 181 9.76 23.69 11.51
CA ALA B 181 8.62 23.33 12.38
C ALA B 181 7.30 23.63 11.70
N LEU B 182 7.21 24.77 11.02
CA LEU B 182 5.98 25.08 10.27
C LEU B 182 5.65 24.03 9.19
N ALA B 183 6.66 23.55 8.46
CA ALA B 183 6.42 22.47 7.50
C ALA B 183 5.77 21.24 8.14
N THR B 184 6.26 20.86 9.34
CA THR B 184 5.62 19.73 10.03
C THR B 184 4.18 20.10 10.37
N GLY B 185 3.98 21.32 10.85
CA GLY B 185 2.63 21.70 11.25
C GLY B 185 1.67 21.81 10.07
N LEU B 186 2.19 22.14 8.88
CA LEU B 186 1.33 22.25 7.72
C LEU B 186 0.99 20.88 7.11
N MET B 187 1.86 19.89 7.27
CA MET B 187 1.58 18.58 6.68
C MET B 187 0.53 17.84 7.51
N ARG B 188 0.65 18.01 8.82
CA ARG B 188 -0.12 17.20 9.77
C ARG B 188 -1.62 17.29 9.55
N ASP B 189 -2.25 16.12 9.58
CA ASP B 189 -3.70 15.96 9.42
C ASP B 189 -4.23 16.17 8.01
N THR B 190 -3.36 16.55 7.06
CA THR B 190 -3.74 16.58 5.63
C THR B 190 -3.61 15.20 4.96
N ALA B 191 -3.97 15.11 3.68
CA ALA B 191 -3.84 13.83 2.96
C ALA B 191 -3.01 13.89 1.70
N TYR B 192 -2.58 12.69 1.28
CA TYR B 192 -2.11 12.43 -0.06
C TYR B 192 -3.19 11.70 -0.85
N LEU B 193 -3.53 12.21 -2.03
CA LEU B 193 -4.52 11.51 -2.87
C LEU B 193 -3.85 10.74 -4.00
N SER B 194 -4.08 9.44 -4.08
CA SER B 194 -3.69 8.64 -5.24
C SER B 194 -4.79 8.67 -6.28
N MET B 195 -4.49 9.11 -7.50
CA MET B 195 -5.37 8.86 -8.66
C MET B 195 -4.77 7.71 -9.47
N GLY B 196 -5.45 6.56 -9.48
CA GLY B 196 -4.84 5.33 -9.90
C GLY B 196 -4.11 4.75 -8.72
N SER B 197 -3.14 3.87 -8.98
CA SER B 197 -2.23 3.41 -7.93
C SER B 197 -0.78 3.20 -8.44
N VAL B 198 -0.36 1.95 -8.64
CA VAL B 198 1.00 1.68 -9.08
C VAL B 198 1.23 2.01 -10.56
N SER B 199 2.31 2.73 -10.87
CA SER B 199 2.62 3.03 -12.27
C SER B 199 3.86 2.28 -12.73
N MET B 200 3.68 1.41 -13.72
CA MET B 200 4.83 0.68 -14.30
C MET B 200 5.80 0.17 -13.25
N GLY B 201 5.26 -0.39 -12.17
CA GLY B 201 6.10 -1.06 -11.17
C GLY B 201 7.09 -0.16 -10.46
N ILE B 202 6.79 1.15 -10.37
CA ILE B 202 7.69 2.11 -9.76
C ILE B 202 7.54 2.17 -8.25
N GLY B 203 8.67 2.02 -7.54
CA GLY B 203 8.69 1.90 -6.09
C GLY B 203 7.86 2.90 -5.30
N GLY B 204 8.11 4.19 -5.54
CA GLY B 204 7.38 5.24 -4.87
C GLY B 204 5.89 5.27 -5.21
N SER B 205 5.50 4.55 -6.26
CA SER B 205 4.09 4.56 -6.66
C SER B 205 3.36 3.39 -6.00
N ILE B 206 4.08 2.58 -5.25
CA ILE B 206 3.43 1.61 -4.36
C ILE B 206 3.30 2.29 -3.00
N VAL B 207 2.19 2.98 -2.80
CA VAL B 207 2.02 3.93 -1.72
C VAL B 207 1.97 3.26 -0.33
N ASN B 208 2.76 3.78 0.59
CA ASN B 208 2.96 3.11 1.88
C ASN B 208 2.33 3.98 2.94
N PRO B 209 1.13 3.61 3.40
CA PRO B 209 0.41 4.49 4.34
C PRO B 209 1.06 4.53 5.71
N ASP B 210 1.85 3.53 6.07
CA ASP B 210 2.51 3.56 7.39
C ASP B 210 3.45 4.76 7.50
N PHE B 211 4.13 5.02 6.39
CA PHE B 211 5.00 6.17 6.29
C PHE B 211 4.24 7.46 6.44
N PHE B 212 3.17 7.63 5.67
CA PHE B 212 2.40 8.86 5.82
C PHE B 212 1.89 9.03 7.24
N GLN B 213 1.20 7.99 7.76
CA GLN B 213 0.64 8.02 9.09
C GLN B 213 1.70 8.29 10.16
N GLU B 214 2.76 7.47 10.20
CA GLU B 214 3.73 7.52 11.31
C GLU B 214 4.63 8.73 11.30
N TYR B 215 5.19 9.03 10.13
CA TYR B 215 6.19 10.08 10.01
C TYR B 215 5.60 11.48 9.87
N LEU B 216 4.58 11.59 9.02
CA LEU B 216 4.07 12.90 8.58
C LEU B 216 2.75 13.31 9.25
N GLY B 217 2.06 12.39 9.90
CA GLY B 217 0.76 12.72 10.51
C GLY B 217 -0.34 12.78 9.46
N MET B 218 -0.09 12.12 8.31
CA MET B 218 -0.95 12.33 7.15
C MET B 218 -1.85 11.13 6.83
N ARG B 219 -3.01 11.43 6.21
CA ARG B 219 -3.92 10.38 5.71
C ARG B 219 -3.62 10.06 4.23
N ASN B 220 -4.12 8.91 3.77
CA ASN B 220 -4.07 8.55 2.37
C ASN B 220 -5.48 8.33 1.83
N GLU B 221 -5.83 9.08 0.79
CA GLU B 221 -7.04 8.88 -0.04
C GLU B 221 -6.71 8.21 -1.39
N SER B 222 -7.68 7.54 -1.99
CA SER B 222 -7.50 7.12 -3.39
C SER B 222 -8.78 7.09 -4.22
N VAL B 223 -8.63 7.45 -5.50
CA VAL B 223 -9.63 7.18 -6.50
C VAL B 223 -9.00 6.42 -7.64
N ASP B 224 -9.76 5.49 -8.20
CA ASP B 224 -9.42 4.85 -9.47
C ASP B 224 -9.61 5.89 -10.57
N MET B 225 -8.80 5.82 -11.63
CA MET B 225 -8.83 6.87 -12.64
C MET B 225 -10.17 6.90 -13.39
N THR B 226 -10.93 5.82 -13.35
CA THR B 226 -12.31 5.84 -13.87
C THR B 226 -13.08 7.10 -13.44
N GLU B 227 -12.80 7.57 -12.22
CA GLU B 227 -13.42 8.79 -11.75
C GLU B 227 -13.37 9.96 -12.77
N PHE B 228 -12.29 10.06 -13.55
CA PHE B 228 -12.14 11.15 -14.53
C PHE B 228 -13.17 10.98 -15.65
N THR B 229 -13.19 9.78 -16.23
CA THR B 229 -14.20 9.40 -17.18
C THR B 229 -15.62 9.64 -16.68
N ARG B 230 -15.94 9.23 -15.45
CA ARG B 230 -17.27 9.47 -14.90
C ARG B 230 -17.57 10.97 -14.92
N ARG B 231 -16.64 11.79 -14.47
CA ARG B 231 -16.93 13.20 -14.35
C ARG B 231 -17.06 13.85 -15.71
N MET B 232 -16.31 13.37 -16.69
CA MET B 232 -16.35 13.93 -18.03
C MET B 232 -17.64 13.56 -18.71
N ASP B 233 -18.02 12.28 -18.63
CA ASP B 233 -19.28 11.84 -19.25
C ASP B 233 -20.51 12.45 -18.58
N ARG B 234 -20.46 12.67 -17.25
CA ARG B 234 -21.63 13.11 -16.53
C ARG B 234 -21.72 14.60 -16.29
N GLY B 235 -20.78 15.37 -16.80
CA GLY B 235 -20.79 16.83 -16.65
C GLY B 235 -20.44 17.30 -15.26
N ILE B 236 -19.77 16.48 -14.45
CA ILE B 236 -19.36 16.88 -13.10
C ILE B 236 -18.06 17.69 -13.17
N TYR B 237 -18.19 18.88 -13.72
CA TYR B 237 -17.19 19.95 -13.68
C TYR B 237 -17.93 21.24 -14.06
N ASP B 238 -17.30 22.38 -13.81
CA ASP B 238 -17.90 23.68 -14.05
C ASP B 238 -17.85 24.09 -15.55
N PRO B 239 -19.02 24.10 -16.24
CA PRO B 239 -19.03 24.32 -17.72
C PRO B 239 -18.74 25.78 -18.06
N GLU B 240 -19.07 26.69 -17.18
CA GLU B 240 -18.74 28.09 -17.38
C GLU B 240 -17.24 28.26 -17.28
N GLU B 241 -16.67 27.69 -16.22
CA GLU B 241 -15.21 27.65 -16.15
C GLU B 241 -14.62 27.00 -17.41
N PHE B 242 -15.20 25.89 -17.87
CA PHE B 242 -14.62 25.25 -19.04
C PHE B 242 -14.51 26.18 -20.23
N GLU B 243 -15.55 26.97 -20.48
CA GLU B 243 -15.52 27.86 -21.63
C GLU B 243 -14.45 28.94 -21.50
N ARG B 244 -14.31 29.54 -20.32
CA ARG B 244 -13.25 30.55 -20.15
C ARG B 244 -11.84 29.97 -20.33
N ALA B 245 -11.62 28.76 -19.80
CA ALA B 245 -10.34 28.04 -19.93
C ALA B 245 -9.98 27.74 -21.39
N LEU B 246 -10.95 27.18 -22.13
CA LEU B 246 -10.77 26.90 -23.57
C LEU B 246 -10.33 28.16 -24.30
N LYS B 247 -10.86 29.31 -23.89
CA LYS B 247 -10.57 30.53 -24.59
C LYS B 247 -9.15 30.94 -24.23
N TRP B 248 -8.84 30.92 -22.93
CA TRP B 248 -7.51 31.33 -22.41
C TRP B 248 -6.38 30.43 -23.00
N VAL B 249 -6.64 29.13 -23.03
CA VAL B 249 -5.72 28.15 -23.61
C VAL B 249 -5.43 28.43 -25.09
N LYS B 250 -6.50 28.71 -25.87
CA LYS B 250 -6.35 29.08 -27.30
C LYS B 250 -5.46 30.29 -27.44
N GLU B 251 -5.62 31.29 -26.57
CA GLU B 251 -4.79 32.51 -26.60
C GLU B 251 -3.36 32.39 -26.08
N ASN B 252 -3.13 31.56 -25.07
CA ASN B 252 -1.87 31.60 -24.30
C ASN B 252 -0.94 30.39 -24.44
N VAL B 253 -1.50 29.25 -24.85
CA VAL B 253 -0.77 27.98 -24.95
C VAL B 253 -0.39 27.64 -26.41
N LYS B 254 0.90 27.77 -26.74
CA LYS B 254 1.37 27.42 -28.08
C LYS B 254 1.54 25.92 -28.22
N GLU B 255 0.75 25.30 -29.09
CA GLU B 255 0.97 23.90 -29.49
C GLU B 255 2.33 23.74 -30.18
N GLY B 256 3.04 22.64 -29.92
CA GLY B 256 4.43 22.51 -30.35
C GLY B 256 4.60 21.63 -31.57
N PHE B 257 5.82 21.48 -32.03
CA PHE B 257 6.05 20.75 -33.26
C PHE B 257 5.75 19.28 -32.99
N ASP B 258 5.13 18.60 -33.95
CA ASP B 258 4.73 17.20 -33.83
C ASP B 258 5.78 16.26 -34.38
N HIS B 259 6.42 15.52 -33.48
CA HIS B 259 7.53 14.61 -33.80
C HIS B 259 7.00 13.21 -34.08
N ASN B 260 5.69 13.06 -34.11
CA ASN B 260 5.17 11.70 -34.18
C ASN B 260 5.58 10.99 -35.47
N ARG B 261 5.76 9.67 -35.40
CA ARG B 261 5.89 8.86 -36.60
C ARG B 261 4.67 9.04 -37.53
N GLU B 262 4.92 9.02 -38.83
CA GLU B 262 3.94 9.44 -39.83
C GLU B 262 2.50 8.89 -39.67
N ASP B 263 2.36 7.58 -39.72
CA ASP B 263 1.07 6.94 -39.50
C ASP B 263 0.45 7.15 -38.09
N LEU B 264 1.17 7.80 -37.19
CA LEU B 264 0.63 8.03 -35.83
C LEU B 264 0.16 9.46 -35.60
N VAL B 265 0.52 10.33 -36.54
CA VAL B 265 0.12 11.74 -36.43
C VAL B 265 -1.40 11.92 -36.42
N LEU B 266 -1.94 12.67 -35.45
CA LEU B 266 -3.37 12.86 -35.37
C LEU B 266 -3.84 14.00 -36.24
N SER B 267 -5.08 13.90 -36.71
CA SER B 267 -5.74 14.98 -37.44
C SER B 267 -5.83 16.26 -36.58
N ARG B 268 -6.05 17.41 -37.21
CA ARG B 268 -6.19 18.64 -36.43
C ARG B 268 -7.51 18.61 -35.66
N GLU B 269 -8.53 17.96 -36.23
CA GLU B 269 -9.80 17.82 -35.53
C GLU B 269 -9.55 17.05 -34.21
N GLU B 270 -8.95 15.86 -34.28
CA GLU B 270 -8.53 15.11 -33.09
C GLU B 270 -7.67 15.92 -32.09
N LYS B 271 -6.69 16.68 -32.58
CA LYS B 271 -5.88 17.46 -31.65
C LYS B 271 -6.73 18.46 -30.88
N ASP B 272 -7.67 19.12 -31.58
CA ASP B 272 -8.56 20.04 -30.88
C ASP B 272 -9.44 19.37 -29.82
N ARG B 273 -9.95 18.17 -30.11
CA ARG B 273 -10.75 17.43 -29.17
C ARG B 273 -9.89 17.07 -27.94
N GLN B 274 -8.66 16.66 -28.20
CA GLN B 274 -7.75 16.35 -27.12
C GLN B 274 -7.39 17.56 -26.24
N TRP B 275 -7.32 18.75 -26.83
CA TRP B 275 -7.13 19.95 -26.04
C TRP B 275 -8.30 20.17 -25.05
N GLU B 276 -9.51 19.91 -25.49
CA GLU B 276 -10.66 20.14 -24.61
C GLU B 276 -10.56 19.18 -23.43
N PHE B 277 -10.09 17.99 -23.72
CA PHE B 277 -10.14 16.90 -22.81
C PHE B 277 -9.10 17.16 -21.70
N VAL B 278 -7.89 17.60 -22.08
CA VAL B 278 -6.87 17.78 -21.07
C VAL B 278 -7.15 18.97 -20.15
N ILE B 279 -7.78 20.02 -20.68
CA ILE B 279 -8.33 21.10 -19.86
C ILE B 279 -9.29 20.56 -18.79
N LYS B 280 -10.15 19.63 -19.16
CA LYS B 280 -11.04 19.01 -18.19
C LYS B 280 -10.34 18.12 -17.14
N MET B 281 -9.34 17.37 -17.58
CA MET B 281 -8.46 16.64 -16.66
C MET B 281 -7.94 17.61 -15.61
N PHE B 282 -7.42 18.74 -16.03
CA PHE B 282 -6.92 19.68 -15.05
C PHE B 282 -7.98 20.04 -14.02
N MET B 283 -9.14 20.50 -14.50
CA MET B 283 -10.21 20.95 -13.60
C MET B 283 -10.63 19.82 -12.65
N ILE B 284 -10.73 18.60 -13.17
CA ILE B 284 -11.14 17.50 -12.37
C ILE B 284 -10.11 17.07 -11.33
N GLY B 285 -8.84 17.07 -11.74
CA GLY B 285 -7.75 16.76 -10.81
C GLY B 285 -7.73 17.77 -9.68
N ARG B 286 -7.87 19.06 -10.04
CA ARG B 286 -7.80 20.14 -9.06
C ARG B 286 -8.99 20.04 -8.12
N ASP B 287 -10.18 19.77 -8.67
CA ASP B 287 -11.40 19.62 -7.90
C ASP B 287 -11.29 18.43 -6.92
N LEU B 288 -10.72 17.31 -7.37
CA LEU B 288 -10.56 16.13 -6.51
C LEU B 288 -9.64 16.41 -5.32
N MET B 289 -8.64 17.22 -5.55
CA MET B 289 -7.70 17.53 -4.52
C MET B 289 -8.30 18.41 -3.43
N VAL B 290 -8.99 19.47 -3.82
CA VAL B 290 -9.29 20.51 -2.86
C VAL B 290 -10.77 20.84 -2.74
N GLY B 291 -11.60 20.22 -3.57
CA GLY B 291 -13.03 20.56 -3.61
C GLY B 291 -13.33 21.81 -4.42
N ASN B 292 -14.61 22.01 -4.69
CA ASN B 292 -15.06 23.16 -5.49
C ASN B 292 -16.52 23.52 -5.15
N PRO B 293 -16.76 24.73 -4.63
CA PRO B 293 -18.14 25.01 -4.23
C PRO B 293 -19.11 25.06 -5.42
N ARG B 294 -18.61 25.44 -6.61
CA ARG B 294 -19.41 25.33 -7.84
C ARG B 294 -20.00 23.96 -8.12
N LEU B 295 -19.29 22.91 -7.72
CA LEU B 295 -19.80 21.57 -7.92
C LEU B 295 -21.08 21.33 -7.14
N ALA B 296 -21.10 21.89 -5.93
CA ALA B 296 -22.30 21.88 -5.10
C ALA B 296 -23.49 22.58 -5.80
N GLU B 297 -23.33 23.83 -6.25
CA GLU B 297 -24.37 24.51 -7.06
C GLU B 297 -24.91 23.73 -8.24
N LEU B 298 -24.06 22.95 -8.88
CA LEU B 298 -24.47 22.21 -10.05
C LEU B 298 -25.12 20.92 -9.58
N GLY B 299 -25.23 20.78 -8.26
CA GLY B 299 -25.93 19.65 -7.65
C GLY B 299 -25.11 18.37 -7.55
N PHE B 300 -23.80 18.52 -7.39
CA PHE B 300 -22.93 17.36 -7.17
C PHE B 300 -22.27 17.47 -5.81
N GLU B 301 -23.11 17.41 -4.77
CA GLU B 301 -22.70 17.84 -3.45
C GLU B 301 -21.65 16.94 -2.88
N GLU B 302 -21.70 15.64 -3.17
CA GLU B 302 -20.71 14.70 -2.62
C GLU B 302 -19.30 15.05 -3.12
N GLU B 303 -19.22 15.32 -4.43
CA GLU B 303 -17.98 15.61 -5.14
C GLU B 303 -17.43 16.96 -4.74
N ALA B 304 -18.30 17.92 -4.43
CA ALA B 304 -17.83 19.27 -4.10
C ALA B 304 -16.85 19.30 -2.94
N VAL B 305 -16.85 18.28 -2.13
CA VAL B 305 -16.04 18.36 -0.92
C VAL B 305 -14.52 18.07 -1.16
N GLY B 306 -14.19 17.33 -2.21
CA GLY B 306 -12.81 16.95 -2.46
C GLY B 306 -12.20 15.93 -1.49
N HIS B 307 -10.87 15.81 -1.54
CA HIS B 307 -10.18 14.78 -0.79
C HIS B 307 -9.14 15.30 0.22
N HIS B 308 -9.25 16.57 0.63
CA HIS B 308 -8.42 17.15 1.72
C HIS B 308 -6.92 16.98 1.43
N ALA B 309 -6.56 17.09 0.14
CA ALA B 309 -5.22 16.68 -0.34
C ALA B 309 -4.23 17.86 -0.43
N LEU B 310 -3.16 17.79 0.38
CA LEU B 310 -2.15 18.82 0.32
C LEU B 310 -1.17 18.49 -0.83
N VAL B 311 -1.19 17.22 -1.25
CA VAL B 311 -0.30 16.74 -2.28
C VAL B 311 -1.01 15.54 -2.92
N ALA B 312 -0.73 15.26 -4.20
CA ALA B 312 -1.44 14.18 -4.92
C ALA B 312 -0.67 13.70 -6.15
N GLY B 313 -1.13 12.62 -6.77
CA GLY B 313 -0.46 11.98 -7.88
C GLY B 313 -1.39 11.32 -8.89
N PHE B 314 -0.93 11.22 -10.15
CA PHE B 314 -1.71 10.63 -11.22
C PHE B 314 -0.88 9.49 -11.79
N GLN B 315 -1.38 8.26 -11.65
CA GLN B 315 -0.70 7.08 -12.20
C GLN B 315 -0.44 7.19 -13.73
N GLY B 316 -1.47 7.50 -14.51
CA GLY B 316 -1.37 7.61 -15.97
C GLY B 316 -1.01 6.30 -16.65
N GLN B 317 0.29 6.12 -16.92
CA GLN B 317 0.80 4.88 -17.47
C GLN B 317 0.57 3.70 -16.52
N ARG B 318 0.21 2.52 -17.04
CA ARG B 318 -0.01 2.30 -18.48
C ARG B 318 -1.47 2.37 -18.95
N GLN B 319 -2.41 2.04 -18.08
CA GLN B 319 -3.77 1.73 -18.51
C GLN B 319 -4.54 2.96 -19.00
N TRP B 320 -4.32 4.12 -18.37
CA TRP B 320 -4.99 5.32 -18.80
C TRP B 320 -4.37 5.86 -20.08
N THR B 321 -3.04 5.99 -20.08
CA THR B 321 -2.38 6.72 -21.15
C THR B 321 -2.40 5.87 -22.44
N ASP B 322 -2.53 4.55 -22.30
CA ASP B 322 -2.79 3.72 -23.49
C ASP B 322 -4.09 4.05 -24.19
N HIS B 323 -5.03 4.72 -23.50
CA HIS B 323 -6.38 4.92 -24.04
C HIS B 323 -6.79 6.37 -24.25
N PHE B 324 -6.41 7.26 -23.32
CA PHE B 324 -6.93 8.62 -23.25
C PHE B 324 -5.75 9.57 -23.32
N PRO B 325 -6.01 10.86 -23.66
CA PRO B 325 -4.91 11.82 -23.61
C PRO B 325 -4.19 11.76 -22.26
N ASN B 326 -2.86 11.95 -22.24
CA ASN B 326 -2.08 11.78 -21.01
C ASN B 326 -2.21 12.96 -20.01
N GLY B 327 -1.52 12.85 -18.88
CA GLY B 327 -1.71 13.80 -17.79
C GLY B 327 -0.71 14.94 -17.78
N ASP B 328 0.06 15.12 -18.84
CA ASP B 328 1.14 16.12 -18.81
C ASP B 328 0.59 17.53 -18.55
N PHE B 329 -0.53 17.84 -19.21
CA PHE B 329 -1.05 19.19 -19.17
C PHE B 329 -1.60 19.46 -17.77
N MET B 330 -2.32 18.48 -17.24
CA MET B 330 -2.80 18.51 -15.85
C MET B 330 -1.69 18.67 -14.82
N GLU B 331 -0.65 17.83 -14.93
CA GLU B 331 0.44 17.83 -13.98
C GLU B 331 1.19 19.15 -14.04
N THR B 332 1.45 19.60 -15.28
CA THR B 332 2.07 20.90 -15.52
C THR B 332 1.34 22.01 -14.81
N PHE B 333 0.03 22.13 -15.07
CA PHE B 333 -0.69 23.29 -14.57
C PHE B 333 -1.00 23.27 -13.08
N LEU B 334 -1.25 22.08 -12.56
CA LEU B 334 -1.35 21.93 -11.10
C LEU B 334 -0.08 22.49 -10.44
N ASN B 335 1.12 22.14 -10.96
CA ASN B 335 2.39 22.60 -10.38
C ASN B 335 2.79 24.04 -10.74
N THR B 336 2.08 24.65 -11.69
CA THR B 336 2.34 26.02 -12.12
C THR B 336 1.51 27.01 -11.31
N GLN B 337 2.06 28.20 -11.08
CA GLN B 337 1.40 29.15 -10.19
C GLN B 337 0.41 30.13 -10.87
N PHE B 338 -0.25 29.65 -11.94
CA PHE B 338 -1.31 30.40 -12.56
C PHE B 338 -2.10 29.51 -13.51
N ASP B 339 -3.29 29.99 -13.86
CA ASP B 339 -4.02 29.46 -14.99
C ASP B 339 -5.04 30.52 -15.45
N TRP B 340 -6.05 30.12 -16.21
CA TRP B 340 -7.13 31.04 -16.61
C TRP B 340 -7.78 31.78 -15.45
N ASN B 341 -7.82 31.19 -14.24
CA ASN B 341 -8.43 31.86 -13.10
C ASN B 341 -7.55 32.92 -12.46
N GLY B 342 -6.30 33.05 -12.91
CA GLY B 342 -5.34 33.99 -12.29
C GLY B 342 -4.12 33.34 -11.63
N ILE B 343 -3.25 34.18 -11.08
CA ILE B 343 -2.11 33.75 -10.28
C ILE B 343 -2.53 33.20 -8.90
N ARG B 344 -1.81 32.19 -8.41
CA ARG B 344 -2.37 31.12 -7.60
C ARG B 344 -1.21 30.38 -6.91
N LYS B 345 -1.43 29.89 -5.70
CA LYS B 345 -0.55 28.86 -5.17
C LYS B 345 -0.59 27.61 -6.04
N PRO B 346 0.50 26.83 -6.05
CA PRO B 346 0.50 25.60 -6.81
C PRO B 346 -0.23 24.52 -6.04
N PHE B 347 -0.64 23.45 -6.72
CA PHE B 347 -1.10 22.23 -6.08
C PHE B 347 -0.01 21.16 -6.25
N VAL B 348 0.69 20.80 -5.16
CA VAL B 348 1.84 19.89 -5.25
C VAL B 348 1.42 18.54 -5.81
N PHE B 349 2.01 18.12 -6.93
CA PHE B 349 1.46 17.01 -7.71
C PHE B 349 2.51 16.05 -8.34
N ALA B 350 2.38 14.75 -8.09
CA ALA B 350 3.35 13.78 -8.59
C ALA B 350 2.94 13.16 -9.93
N THR B 351 3.87 13.21 -10.88
CA THR B 351 3.79 12.34 -12.05
C THR B 351 3.91 10.88 -11.63
N GLU B 352 3.22 10.00 -12.36
CA GLU B 352 3.27 8.56 -12.20
C GLU B 352 2.89 8.07 -10.81
N ASN B 353 2.11 8.90 -10.10
CA ASN B 353 1.75 8.67 -8.70
C ASN B 353 2.97 8.35 -7.84
N ASP B 354 4.12 8.97 -8.16
CA ASP B 354 5.31 8.73 -7.34
C ASP B 354 5.14 9.46 -6.01
N SER B 355 4.47 8.80 -5.06
CA SER B 355 4.11 9.45 -3.80
C SER B 355 5.35 9.98 -3.06
N LEU B 356 6.48 9.28 -3.19
CA LEU B 356 7.71 9.69 -2.49
C LEU B 356 8.31 10.90 -3.14
N ASN B 357 8.23 10.97 -4.47
CA ASN B 357 8.62 12.25 -5.09
C ASN B 357 7.70 13.39 -4.67
N GLY B 358 6.42 13.08 -4.49
CA GLY B 358 5.40 14.06 -4.09
C GLY B 358 5.75 14.66 -2.75
N VAL B 359 6.11 13.79 -1.79
CA VAL B 359 6.49 14.25 -0.47
C VAL B 359 7.81 15.02 -0.50
N SER B 360 8.74 14.55 -1.31
CA SER B 360 9.99 15.32 -1.51
C SER B 360 9.70 16.76 -2.00
N MET B 361 8.80 16.89 -3.01
CA MET B 361 8.37 18.22 -3.48
C MET B 361 7.70 19.02 -2.39
N LEU B 362 6.94 18.32 -1.54
CA LEU B 362 6.14 18.99 -0.51
C LEU B 362 7.02 19.55 0.64
N PHE B 363 8.04 18.78 1.04
CA PHE B 363 9.11 19.29 1.89
C PHE B 363 9.66 20.57 1.32
N ASN B 364 10.05 20.49 0.04
CA ASN B 364 10.61 21.65 -0.64
C ASN B 364 9.63 22.79 -0.66
N TYR B 365 8.38 22.50 -1.01
CA TYR B 365 7.36 23.53 -1.07
C TYR B 365 7.09 24.19 0.29
N LEU B 366 6.91 23.37 1.33
CA LEU B 366 6.55 23.98 2.63
C LEU B 366 7.72 24.77 3.27
N LEU B 367 8.94 24.41 2.92
CA LEU B 367 10.10 25.15 3.41
C LEU B 367 10.31 26.51 2.72
N THR B 368 9.77 26.68 1.51
CA THR B 368 10.11 27.82 0.65
C THR B 368 8.90 28.62 0.17
N ASN B 369 7.72 28.00 0.13
CA ASN B 369 6.56 28.60 -0.57
C ASN B 369 6.79 28.82 -2.07
N THR B 370 7.74 28.09 -2.67
CA THR B 370 7.98 28.17 -4.11
C THR B 370 7.56 26.85 -4.78
N PRO B 371 7.09 26.90 -6.05
CA PRO B 371 6.69 25.66 -6.76
C PRO B 371 7.89 24.74 -7.07
N GLN B 372 7.62 23.51 -7.52
CA GLN B 372 8.59 22.45 -7.47
C GLN B 372 8.74 21.71 -8.78
N ILE B 373 9.99 21.49 -9.21
CA ILE B 373 10.24 20.73 -10.42
C ILE B 373 10.27 19.23 -10.14
N PHE B 374 9.52 18.45 -10.92
CA PHE B 374 9.48 16.97 -10.83
C PHE B 374 10.32 16.45 -12.00
N ALA B 375 11.31 15.59 -11.78
CA ALA B 375 12.14 15.15 -12.94
C ALA B 375 12.63 13.74 -12.87
N ASP B 376 12.82 13.13 -14.05
CA ASP B 376 13.66 11.93 -14.17
C ASP B 376 15.10 12.38 -14.16
N VAL B 377 15.94 11.64 -13.48
CA VAL B 377 17.37 11.85 -13.54
C VAL B 377 17.80 10.98 -14.71
N ARG B 378 17.82 11.59 -15.90
CA ARG B 378 17.86 10.82 -17.13
C ARG B 378 19.27 10.35 -17.52
N THR B 379 20.25 11.24 -17.39
CA THR B 379 21.59 10.96 -17.91
C THR B 379 22.61 11.69 -17.08
N TYR B 380 23.71 11.00 -16.82
CA TYR B 380 24.95 11.66 -16.40
C TYR B 380 25.83 11.95 -17.62
N TRP B 381 26.18 13.22 -17.80
CA TRP B 381 27.08 13.65 -18.84
C TRP B 381 28.50 13.92 -18.31
N SER B 382 29.43 13.00 -18.56
CA SER B 382 30.83 13.22 -18.16
C SER B 382 31.49 14.25 -19.10
N PRO B 383 32.58 14.94 -18.65
CA PRO B 383 33.26 15.83 -19.60
C PRO B 383 33.72 15.09 -20.87
N GLU B 384 34.26 13.88 -20.71
CA GLU B 384 34.70 13.03 -21.83
C GLU B 384 33.57 12.73 -22.81
N ALA B 385 32.39 12.37 -22.32
CA ALA B 385 31.28 12.10 -23.25
C ALA B 385 30.84 13.37 -23.95
N VAL B 386 30.87 14.49 -23.23
CA VAL B 386 30.48 15.72 -23.85
C VAL B 386 31.48 16.09 -24.97
N LYS B 387 32.76 15.88 -24.69
CA LYS B 387 33.82 16.19 -25.64
C LYS B 387 33.66 15.33 -26.88
N ARG B 388 33.59 14.01 -26.69
CA ARG B 388 33.33 13.11 -27.80
C ARG B 388 32.11 13.51 -28.64
N VAL B 389 30.99 13.78 -27.98
CA VAL B 389 29.75 13.92 -28.71
C VAL B 389 29.60 15.28 -29.40
N THR B 390 30.25 16.30 -28.84
CA THR B 390 29.99 17.66 -29.30
C THR B 390 31.24 18.46 -29.67
N GLY B 391 32.42 17.99 -29.27
CA GLY B 391 33.69 18.72 -29.47
C GLY B 391 34.00 19.79 -28.42
N HIS B 392 33.07 20.04 -27.50
CA HIS B 392 33.19 21.12 -26.56
C HIS B 392 33.83 20.67 -25.24
N THR B 393 34.71 21.50 -24.71
CA THR B 393 35.30 21.28 -23.41
C THR B 393 34.59 22.13 -22.37
N LEU B 394 33.95 21.44 -21.43
CA LEU B 394 33.03 22.08 -20.47
C LEU B 394 33.80 22.98 -19.54
N GLU B 395 33.19 24.09 -19.12
CA GLU B 395 33.88 25.01 -18.20
C GLU B 395 32.93 25.76 -17.25
N GLY B 396 33.50 26.48 -16.28
CA GLY B 396 32.72 26.99 -15.16
C GLY B 396 32.05 25.86 -14.39
N ARG B 397 30.78 26.04 -14.08
CA ARG B 397 30.05 25.12 -13.25
C ARG B 397 29.77 23.78 -13.89
N ALA B 398 29.81 23.72 -15.21
CA ALA B 398 29.60 22.46 -15.89
C ALA B 398 30.89 21.65 -16.00
N ALA B 399 32.01 22.21 -15.57
CA ALA B 399 33.33 21.62 -15.91
C ALA B 399 33.53 20.17 -15.46
N ALA B 400 32.87 19.79 -14.35
CA ALA B 400 33.05 18.45 -13.77
C ALA B 400 31.97 17.49 -14.25
N GLY B 401 31.16 17.91 -15.22
CA GLY B 401 30.09 17.08 -15.73
C GLY B 401 28.77 17.53 -15.11
N PHE B 402 27.68 16.89 -15.51
CA PHE B 402 26.38 17.35 -15.08
C PHE B 402 25.31 16.30 -15.34
N LEU B 403 24.13 16.55 -14.77
CA LEU B 403 23.01 15.65 -14.92
C LEU B 403 21.89 16.26 -15.78
N HIS B 404 21.33 15.41 -16.64
CA HIS B 404 20.16 15.78 -17.40
C HIS B 404 18.88 15.46 -16.61
N LEU B 405 18.21 16.51 -16.16
CA LEU B 405 16.96 16.34 -15.45
C LEU B 405 15.79 16.67 -16.38
N ILE B 406 14.94 15.68 -16.62
CA ILE B 406 13.93 15.82 -17.67
C ILE B 406 12.81 14.82 -17.41
N ASN B 407 11.72 15.30 -16.85
CA ASN B 407 10.51 14.50 -16.67
C ASN B 407 9.86 14.02 -17.98
N SER B 408 9.19 12.85 -17.94
CA SER B 408 8.52 12.30 -19.12
C SER B 408 7.22 13.04 -19.51
N GLY B 409 7.24 14.37 -19.44
CA GLY B 409 6.23 15.12 -20.16
C GLY B 409 5.85 16.46 -19.55
N SER B 410 5.86 16.54 -18.23
CA SER B 410 5.24 17.67 -17.55
C SER B 410 6.25 18.34 -16.62
N CYS B 411 6.05 19.63 -16.35
CA CYS B 411 6.85 20.33 -15.34
C CYS B 411 6.30 21.72 -15.06
N THR B 412 6.44 22.18 -13.83
CA THR B 412 5.95 23.50 -13.49
C THR B 412 6.54 24.55 -14.46
N LEU B 413 5.70 25.41 -15.02
CA LEU B 413 6.20 26.48 -15.91
C LEU B 413 7.04 27.48 -15.14
N ASP B 414 6.83 27.60 -13.84
CA ASP B 414 7.75 28.36 -13.03
C ASP B 414 9.19 27.83 -13.18
N GLY B 415 9.34 26.55 -13.51
CA GLY B 415 10.66 25.94 -13.68
C GLY B 415 11.43 26.37 -14.93
N THR B 416 10.78 27.11 -15.84
CA THR B 416 11.50 27.84 -16.90
C THR B 416 12.60 28.75 -16.33
N GLY B 417 12.35 29.28 -15.14
CA GLY B 417 13.28 30.21 -14.55
C GLY B 417 13.08 31.60 -15.09
N GLN B 418 11.91 31.89 -15.66
CA GLN B 418 11.67 33.22 -16.25
C GLN B 418 11.40 34.34 -15.24
N ALA B 419 10.93 34.03 -14.04
CA ALA B 419 10.84 35.08 -13.00
C ALA B 419 12.23 35.57 -12.58
N THR B 420 12.32 36.85 -12.19
CA THR B 420 13.63 37.51 -12.05
C THR B 420 13.71 38.29 -10.78
N ARG B 421 14.84 38.17 -10.10
CA ARG B 421 15.18 39.06 -9.02
C ARG B 421 16.62 39.49 -9.17
N ASP B 422 16.85 40.80 -9.12
CA ASP B 422 18.21 41.37 -9.22
C ASP B 422 18.97 40.87 -10.43
N GLY B 423 18.28 40.75 -11.58
CA GLY B 423 18.91 40.27 -12.81
C GLY B 423 19.15 38.78 -12.90
N LYS B 424 18.59 38.00 -11.98
CA LYS B 424 18.92 36.58 -11.90
C LYS B 424 17.67 35.72 -11.96
N PRO B 425 17.79 34.51 -12.55
CA PRO B 425 16.62 33.60 -12.64
C PRO B 425 16.23 33.00 -11.27
N ILE B 426 14.94 32.99 -10.95
CA ILE B 426 14.48 32.38 -9.72
C ILE B 426 13.10 31.80 -9.90
N MET B 427 12.64 31.05 -8.89
CA MET B 427 11.24 30.73 -8.78
C MET B 427 10.71 31.41 -7.52
N LYS B 428 9.54 32.04 -7.63
CA LYS B 428 9.05 32.94 -6.60
C LYS B 428 7.81 32.35 -5.95
N PRO B 429 7.48 32.80 -4.72
CA PRO B 429 6.13 32.54 -4.20
C PRO B 429 5.09 33.23 -5.08
N PHE B 430 3.91 32.64 -5.27
CA PHE B 430 2.92 33.23 -6.14
C PHE B 430 2.64 34.75 -5.95
N TRP B 431 2.59 35.22 -4.71
CA TRP B 431 2.28 36.64 -4.45
C TRP B 431 3.34 37.62 -4.88
N GLU B 432 4.54 37.12 -5.18
CA GLU B 432 5.60 37.98 -5.70
C GLU B 432 5.66 38.00 -7.24
N LEU B 433 4.89 37.13 -7.91
CA LEU B 433 4.96 37.06 -9.37
C LEU B 433 4.35 38.28 -10.01
N GLU B 434 5.02 38.80 -11.05
CA GLU B 434 4.48 39.85 -11.91
C GLU B 434 3.85 39.32 -13.20
N GLU B 435 2.90 40.08 -13.76
CA GLU B 435 2.27 39.74 -15.05
C GLU B 435 3.27 39.48 -16.17
N SER B 436 4.28 40.34 -16.28
CA SER B 436 5.36 40.10 -17.25
C SER B 436 6.00 38.71 -17.11
N GLU B 437 6.15 38.26 -15.86
CA GLU B 437 6.86 37.02 -15.55
C GLU B 437 6.02 35.81 -15.98
N VAL B 438 4.72 35.85 -15.71
CA VAL B 438 3.79 34.87 -16.20
C VAL B 438 3.92 34.84 -17.74
N GLN B 439 3.76 36.00 -18.37
CA GLN B 439 3.92 36.12 -19.83
C GLN B 439 5.24 35.52 -20.35
N ALA B 440 6.35 35.88 -19.72
CA ALA B 440 7.64 35.27 -20.12
C ALA B 440 7.58 33.73 -20.08
N MET B 441 6.94 33.17 -19.05
CA MET B 441 6.89 31.72 -18.89
C MET B 441 6.10 31.05 -20.01
N LEU B 442 4.98 31.66 -20.36
CA LEU B 442 4.14 31.13 -21.42
C LEU B 442 4.86 31.28 -22.74
N GLU B 443 5.47 32.44 -22.93
CA GLU B 443 6.16 32.70 -24.17
C GLU B 443 7.30 31.76 -24.40
N ASN B 444 7.95 31.27 -23.33
CA ASN B 444 9.14 30.40 -23.54
C ASN B 444 8.88 28.91 -23.44
N THR B 445 7.60 28.55 -23.60
CA THR B 445 7.14 27.18 -23.52
C THR B 445 6.26 26.87 -24.71
N ASP B 446 6.33 25.63 -25.18
CA ASP B 446 5.32 25.10 -26.08
C ASP B 446 4.96 23.66 -25.72
N PHE B 447 3.96 23.14 -26.43
CA PHE B 447 3.29 21.95 -26.01
C PHE B 447 3.16 20.93 -27.11
N PRO B 448 4.25 20.19 -27.38
CA PRO B 448 4.25 19.19 -28.46
C PRO B 448 3.20 18.09 -28.25
N PRO B 449 2.52 17.66 -29.32
CA PRO B 449 1.74 16.42 -29.20
C PRO B 449 2.55 15.30 -28.54
N ALA B 450 1.89 14.54 -27.69
CA ALA B 450 2.50 13.39 -27.06
C ALA B 450 3.04 12.38 -28.08
N ASN B 451 4.09 11.66 -27.68
CA ASN B 451 4.62 10.59 -28.49
C ASN B 451 3.72 9.34 -28.40
N ARG B 452 3.00 9.06 -29.48
CA ARG B 452 2.03 7.99 -29.47
C ARG B 452 2.60 6.56 -29.43
N GLU B 453 3.90 6.37 -29.61
CA GLU B 453 4.45 5.02 -29.41
C GLU B 453 4.51 4.68 -27.89
N TYR B 454 4.51 5.71 -27.06
CA TYR B 454 4.47 5.58 -25.60
C TYR B 454 3.10 5.94 -25.00
N PHE B 455 2.44 6.93 -25.58
CA PHE B 455 1.20 7.46 -25.03
C PHE B 455 0.10 7.40 -26.10
N ARG B 456 -0.38 6.19 -26.40
CA ARG B 456 -1.24 6.01 -27.54
C ARG B 456 -2.44 6.94 -27.48
N GLY B 457 -2.92 7.23 -26.26
CA GLY B 457 -4.14 8.00 -26.03
C GLY B 457 -3.98 9.46 -26.43
N GLY B 458 -2.73 9.90 -26.61
CA GLY B 458 -2.43 11.27 -27.02
C GLY B 458 -2.20 12.24 -25.86
N GLY B 459 -2.57 13.50 -26.10
CA GLY B 459 -2.29 14.57 -25.14
C GLY B 459 -1.20 15.47 -25.66
N PHE B 460 -0.79 16.43 -24.84
CA PHE B 460 0.35 17.31 -25.15
C PHE B 460 1.35 17.38 -24.00
N SER B 461 2.64 17.32 -24.31
CA SER B 461 3.69 17.42 -23.32
C SER B 461 4.12 18.88 -23.16
N THR B 462 5.06 19.13 -22.26
CA THR B 462 5.49 20.48 -21.96
C THR B 462 6.99 20.55 -22.24
N ARG B 463 7.38 21.62 -22.95
CA ARG B 463 8.74 21.77 -23.44
C ARG B 463 9.24 23.20 -23.23
N PHE B 464 10.28 23.31 -22.41
CA PHE B 464 11.02 24.54 -22.21
C PHE B 464 12.41 24.13 -21.79
N LEU B 465 13.25 25.12 -21.54
CA LEU B 465 14.58 24.89 -21.03
C LEU B 465 14.83 25.79 -19.79
N THR B 466 15.09 25.20 -18.64
CA THR B 466 15.33 26.00 -17.45
C THR B 466 16.57 26.89 -17.68
N LYS B 467 16.45 28.18 -17.36
CA LYS B 467 17.59 29.09 -17.43
C LYS B 467 18.74 28.66 -16.54
N GLY B 468 19.96 28.90 -17.01
CA GLY B 468 21.16 28.44 -16.30
C GLY B 468 21.49 29.35 -15.14
N ASP B 469 22.34 28.86 -14.25
CA ASP B 469 22.89 29.68 -13.17
C ASP B 469 21.91 29.99 -12.03
N MET B 470 20.86 29.19 -11.89
CA MET B 470 19.96 29.34 -10.75
C MET B 470 20.40 28.35 -9.66
N PRO B 471 20.64 28.85 -8.42
CA PRO B 471 20.89 27.93 -7.29
C PRO B 471 19.68 27.03 -7.02
N VAL B 472 19.90 25.73 -6.95
CA VAL B 472 18.79 24.81 -6.69
C VAL B 472 19.19 23.69 -5.72
N THR B 473 18.18 22.98 -5.21
CA THR B 473 18.43 21.78 -4.43
C THR B 473 17.60 20.63 -4.98
N MET B 474 18.26 19.56 -5.41
CA MET B 474 17.57 18.31 -5.75
C MET B 474 17.43 17.43 -4.49
N VAL B 475 16.26 16.77 -4.37
CA VAL B 475 15.84 16.11 -3.13
C VAL B 475 15.08 14.82 -3.44
N ARG B 476 15.27 13.79 -2.62
CA ARG B 476 14.55 12.54 -2.79
C ARG B 476 14.44 11.82 -1.47
N LEU B 477 13.21 11.49 -1.04
CA LEU B 477 12.98 10.47 -0.05
C LEU B 477 12.96 9.08 -0.66
N ASN B 478 13.57 8.13 0.02
CA ASN B 478 13.44 6.71 -0.36
C ASN B 478 13.07 5.90 0.87
N LEU B 479 12.31 4.82 0.66
CA LEU B 479 11.97 3.87 1.74
C LEU B 479 12.94 2.70 1.82
N LEU B 480 13.65 2.58 2.94
CA LEU B 480 14.51 1.43 3.18
C LEU B 480 13.83 0.37 4.09
N LYS B 481 13.65 -0.83 3.56
CA LYS B 481 12.95 -1.92 4.26
C LYS B 481 13.58 -2.14 5.64
N GLY B 482 12.78 -2.18 6.69
CA GLY B 482 13.29 -2.38 8.06
C GLY B 482 13.83 -1.14 8.73
N VAL B 483 13.91 -0.04 7.98
CA VAL B 483 14.36 1.22 8.56
C VAL B 483 13.26 2.27 8.47
N GLY B 484 12.82 2.58 7.24
CA GLY B 484 11.80 3.59 7.01
C GLY B 484 12.32 4.58 5.99
N PRO B 485 11.82 5.84 6.03
CA PRO B 485 12.24 6.83 5.05
C PRO B 485 13.65 7.31 5.37
N VAL B 486 14.43 7.57 4.32
CA VAL B 486 15.73 8.19 4.45
C VAL B 486 15.81 9.29 3.36
N LEU B 487 16.52 10.37 3.65
CA LEU B 487 16.43 11.57 2.81
C LEU B 487 17.81 11.88 2.20
N GLN B 488 17.84 12.16 0.90
CA GLN B 488 19.06 12.60 0.23
C GLN B 488 18.87 13.97 -0.38
N ILE B 489 19.96 14.73 -0.38
CA ILE B 489 19.92 16.16 -0.67
C ILE B 489 21.17 16.50 -1.51
N ALA B 490 20.96 17.20 -2.63
CA ALA B 490 22.08 17.71 -3.44
C ALA B 490 21.83 19.17 -3.86
N GLU B 491 22.51 20.11 -3.21
CA GLU B 491 22.48 21.51 -3.62
C GLU B 491 23.40 21.72 -4.84
N GLY B 492 23.04 22.64 -5.73
CA GLY B 492 23.95 22.99 -6.83
C GLY B 492 23.38 24.08 -7.70
N TYR B 493 23.52 23.92 -9.03
CA TYR B 493 23.13 24.99 -9.97
C TYR B 493 22.59 24.43 -11.26
N THR B 494 21.59 25.13 -11.81
CA THR B 494 21.18 24.88 -13.19
C THR B 494 22.27 25.45 -14.07
N LEU B 495 22.40 24.90 -15.27
CA LEU B 495 23.46 25.28 -16.20
C LEU B 495 22.90 25.87 -17.47
N GLU B 496 23.68 26.79 -18.06
CA GLU B 496 23.51 27.16 -19.47
C GLU B 496 24.66 26.56 -20.29
N LEU B 497 24.39 25.47 -20.99
CA LEU B 497 25.31 24.97 -22.01
C LEU B 497 25.46 25.95 -23.21
N PRO B 498 26.59 25.89 -23.93
CA PRO B 498 26.56 26.51 -25.26
C PRO B 498 25.38 25.96 -26.08
N GLU B 499 24.80 26.79 -26.93
CA GLU B 499 23.61 26.39 -27.68
C GLU B 499 23.72 25.15 -28.51
N ASP B 500 24.86 24.97 -29.17
CA ASP B 500 25.04 23.78 -29.98
C ASP B 500 25.08 22.53 -29.09
N VAL B 501 25.77 22.65 -27.95
CA VAL B 501 25.88 21.53 -27.02
C VAL B 501 24.49 21.17 -26.53
N HIS B 502 23.77 22.18 -26.04
CA HIS B 502 22.38 21.94 -25.69
C HIS B 502 21.58 21.19 -26.76
N HIS B 503 21.52 21.70 -27.99
CA HIS B 503 20.68 21.06 -29.02
C HIS B 503 21.15 19.68 -29.37
N THR B 504 22.46 19.46 -29.42
CA THR B 504 22.95 18.12 -29.69
C THR B 504 22.48 17.14 -28.62
N LEU B 505 22.75 17.44 -27.35
CA LEU B 505 22.38 16.53 -26.24
C LEU B 505 20.87 16.35 -26.16
N ASP B 506 20.15 17.47 -26.20
CA ASP B 506 18.67 17.46 -26.23
C ASP B 506 18.06 16.55 -27.29
N ASN B 507 18.55 16.65 -28.52
CA ASN B 507 17.89 15.97 -29.62
C ASN B 507 18.09 14.46 -29.67
N ARG B 508 19.15 13.98 -29.04
CA ARG B 508 19.42 12.56 -28.83
C ARG B 508 18.56 12.02 -27.69
N THR B 509 17.93 12.89 -26.91
CA THR B 509 17.29 12.37 -25.70
C THR B 509 15.78 12.26 -25.80
N ASP B 510 15.08 13.36 -25.51
CA ASP B 510 13.63 13.47 -25.65
C ASP B 510 13.27 14.95 -25.72
N PRO B 511 13.54 15.59 -26.88
CA PRO B 511 13.36 17.04 -27.10
C PRO B 511 11.90 17.56 -26.99
N GLY B 512 10.93 16.66 -26.90
CA GLY B 512 9.55 17.08 -26.60
C GLY B 512 9.24 17.31 -25.12
N TRP B 513 10.20 17.01 -24.23
CA TRP B 513 9.99 17.16 -22.78
C TRP B 513 10.77 18.35 -22.21
N PRO B 514 10.58 18.65 -20.92
CA PRO B 514 11.22 19.83 -20.33
C PRO B 514 12.62 19.50 -19.79
N THR B 515 13.56 20.43 -19.97
CA THR B 515 14.94 20.23 -19.57
C THR B 515 15.48 21.19 -18.51
N THR B 516 16.14 20.59 -17.52
CA THR B 516 17.04 21.29 -16.62
C THR B 516 18.41 20.58 -16.61
N TRP B 517 19.46 21.34 -16.87
CA TRP B 517 20.80 20.81 -16.76
C TRP B 517 21.29 21.15 -15.37
N PHE B 518 21.75 20.13 -14.64
CA PHE B 518 22.07 20.28 -13.21
C PHE B 518 23.51 19.90 -12.88
N ALA B 519 24.23 20.82 -12.23
CA ALA B 519 25.54 20.47 -11.64
C ALA B 519 25.45 20.48 -10.13
N PRO B 520 25.68 19.34 -9.45
CA PRO B 520 25.71 19.39 -7.98
C PRO B 520 27.05 19.93 -7.47
N ARG B 521 27.07 20.66 -6.36
CA ARG B 521 28.32 21.10 -5.69
C ARG B 521 29.07 19.88 -5.14
N LEU B 522 30.35 19.71 -5.50
CA LEU B 522 31.19 18.59 -5.02
C LEU B 522 31.92 19.00 -3.76
N THR B 523 32.17 18.06 -2.86
CA THR B 523 32.84 18.46 -1.64
C THR B 523 34.10 17.66 -1.39
N GLY B 524 34.38 16.67 -2.21
CA GLY B 524 35.51 15.79 -1.97
C GLY B 524 35.21 14.76 -0.89
N LYS B 525 33.96 14.72 -0.44
CA LYS B 525 33.55 13.86 0.66
C LYS B 525 32.26 13.05 0.33
N GLY B 526 32.15 11.86 0.91
CA GLY B 526 31.05 10.95 0.69
C GLY B 526 30.77 10.67 -0.78
N ALA B 527 29.53 10.97 -1.19
CA ALA B 527 29.06 10.70 -2.54
C ALA B 527 29.21 11.93 -3.43
N PHE B 528 29.88 12.96 -2.90
CA PHE B 528 30.13 14.19 -3.66
C PHE B 528 31.60 14.39 -3.98
N LYS B 529 32.30 13.29 -4.26
CA LYS B 529 33.64 13.34 -4.80
C LYS B 529 33.62 13.66 -6.31
N SER B 530 32.57 13.23 -7.03
CA SER B 530 32.39 13.53 -8.46
C SER B 530 30.89 13.53 -8.79
N VAL B 531 30.54 14.20 -9.88
CA VAL B 531 29.17 14.24 -10.35
C VAL B 531 28.72 12.81 -10.63
N TYR B 532 29.60 11.96 -11.15
CA TYR B 532 29.19 10.61 -11.39
C TYR B 532 28.73 9.96 -10.08
N ASP B 533 29.52 10.11 -9.03
CA ASP B 533 29.19 9.50 -7.74
C ASP B 533 27.84 9.97 -7.19
N VAL B 534 27.48 11.23 -7.46
CA VAL B 534 26.19 11.74 -7.02
C VAL B 534 25.05 10.99 -7.75
N MET B 535 25.15 10.81 -9.07
CA MET B 535 24.12 10.03 -9.73
C MET B 535 24.10 8.57 -9.28
N ASN B 536 25.28 7.96 -9.25
CA ASN B 536 25.41 6.55 -8.95
C ASN B 536 24.83 6.28 -7.55
N ASN B 537 24.74 7.30 -6.68
CA ASN B 537 24.15 7.17 -5.34
C ASN B 537 22.72 7.69 -5.20
N TRP B 538 22.15 8.16 -6.30
CA TRP B 538 20.80 8.66 -6.23
C TRP B 538 19.87 7.46 -6.17
N GLY B 539 18.96 7.48 -5.19
CA GLY B 539 18.23 6.27 -4.86
C GLY B 539 16.92 6.04 -5.58
N ALA B 540 16.59 6.87 -6.55
CA ALA B 540 15.43 6.58 -7.36
C ALA B 540 15.65 7.21 -8.71
N ASN B 541 14.79 6.92 -9.67
CA ASN B 541 14.83 7.61 -10.96
C ASN B 541 14.29 9.02 -10.89
N HIS B 542 13.59 9.36 -9.81
CA HIS B 542 13.06 10.73 -9.71
C HIS B 542 13.79 11.66 -8.74
N GLY B 543 13.68 12.95 -9.00
CA GLY B 543 14.11 13.93 -8.02
C GLY B 543 13.12 15.06 -7.92
N ALA B 544 13.18 15.82 -6.81
CA ALA B 544 12.41 17.06 -6.64
C ALA B 544 13.38 18.22 -6.57
N ILE B 545 13.15 19.23 -7.43
CA ILE B 545 14.08 20.35 -7.55
C ILE B 545 13.41 21.67 -7.25
N THR B 546 13.98 22.37 -6.29
CA THR B 546 13.49 23.65 -5.80
C THR B 546 14.52 24.74 -6.10
N TYR B 547 14.04 25.95 -6.34
CA TYR B 547 14.91 27.13 -6.26
C TYR B 547 15.53 27.26 -4.88
N GLY B 548 16.81 27.62 -4.85
CA GLY B 548 17.48 27.92 -3.61
C GLY B 548 18.36 26.82 -3.02
N HIS B 549 19.21 27.22 -2.08
CA HIS B 549 19.95 26.25 -1.31
C HIS B 549 19.29 25.98 0.04
N ILE B 550 18.52 24.90 0.12
CA ILE B 550 17.66 24.68 1.29
C ILE B 550 18.06 23.40 2.03
N GLY B 551 19.32 22.97 1.82
CA GLY B 551 19.88 21.74 2.40
C GLY B 551 19.78 21.75 3.92
N ALA B 552 20.20 22.86 4.52
CA ALA B 552 20.25 22.99 5.97
C ALA B 552 18.84 23.00 6.54
N ASP B 553 17.93 23.72 5.89
CA ASP B 553 16.53 23.65 6.25
C ASP B 553 16.03 22.20 6.21
N LEU B 554 16.29 21.45 5.12
CA LEU B 554 15.85 20.04 5.02
C LEU B 554 16.41 19.15 6.16
N ILE B 555 17.66 19.40 6.53
CA ILE B 555 18.32 18.61 7.52
C ILE B 555 17.64 18.83 8.86
N THR B 556 17.32 20.08 9.15
CA THR B 556 16.58 20.42 10.34
C THR B 556 15.19 19.77 10.32
N LEU B 557 14.47 19.95 9.21
CA LEU B 557 13.16 19.27 9.02
C LEU B 557 13.25 17.74 9.26
N ALA B 558 14.29 17.10 8.72
CA ALA B 558 14.35 15.64 8.76
C ALA B 558 14.52 15.14 10.20
N SER B 559 15.26 15.91 10.98
CA SER B 559 15.50 15.59 12.36
C SER B 559 14.18 15.75 13.16
N MET B 560 13.41 16.81 12.91
CA MET B 560 12.09 16.94 13.52
C MET B 560 11.26 15.69 13.25
N LEU B 561 11.35 15.15 12.03
CA LEU B 561 10.53 13.99 11.65
C LEU B 561 11.24 12.68 11.97
N ARG B 562 12.48 12.79 12.44
CA ARG B 562 13.30 11.59 12.71
C ARG B 562 13.48 10.79 11.43
N ILE B 563 13.69 11.49 10.30
CA ILE B 563 14.04 10.78 9.05
C ILE B 563 15.56 10.87 8.90
N PRO B 564 16.31 9.76 8.87
CA PRO B 564 17.76 9.98 8.72
C PRO B 564 18.18 10.52 7.34
N VAL B 565 19.30 11.26 7.32
CA VAL B 565 19.79 11.82 6.08
C VAL B 565 20.96 10.99 5.55
N ASN B 566 20.73 10.20 4.51
CA ASN B 566 21.77 9.27 4.05
C ASN B 566 22.89 9.91 3.25
N MET B 567 22.59 11.08 2.69
CA MET B 567 23.48 11.74 1.74
C MET B 567 23.09 13.24 1.56
N HIS B 568 24.04 14.13 1.81
CA HIS B 568 23.84 15.56 1.55
C HIS B 568 25.20 16.24 1.33
N ASN B 569 25.19 17.39 0.67
CA ASN B 569 26.42 18.16 0.49
C ASN B 569 26.39 19.50 1.24
N VAL B 570 25.73 19.55 2.40
CA VAL B 570 25.60 20.79 3.16
C VAL B 570 26.84 20.93 4.02
N PRO B 571 27.40 22.13 4.15
CA PRO B 571 28.57 22.18 5.09
C PRO B 571 28.21 21.77 6.51
N GLU B 572 29.12 21.09 7.17
CA GLU B 572 28.84 20.54 8.48
C GLU B 572 28.44 21.65 9.48
N GLU B 573 29.08 22.81 9.42
CA GLU B 573 28.79 23.86 10.40
C GLU B 573 27.34 24.37 10.29
N ASP B 574 26.65 24.01 9.22
CA ASP B 574 25.25 24.41 9.08
C ASP B 574 24.23 23.40 9.62
N ILE B 575 24.68 22.16 9.87
CA ILE B 575 23.83 21.12 10.40
C ILE B 575 23.25 21.56 11.76
N PHE B 576 21.93 21.58 11.88
CA PHE B 576 21.24 22.11 13.06
C PHE B 576 20.09 21.12 13.40
N ARG B 577 20.30 20.38 14.49
CA ARG B 577 19.52 19.23 14.89
C ARG B 577 19.23 19.37 16.39
N PRO B 578 18.23 18.63 16.92
CA PRO B 578 18.00 18.75 18.36
C PRO B 578 19.27 18.43 19.15
N LYS B 579 19.44 19.12 20.27
CA LYS B 579 20.66 19.03 21.06
C LYS B 579 21.01 17.57 21.52
N ASN B 580 20.00 16.73 21.72
CA ASN B 580 20.30 15.34 22.05
C ASN B 580 20.92 14.51 20.95
N TRP B 581 20.73 14.89 19.69
CA TRP B 581 21.50 14.21 18.66
C TRP B 581 22.96 14.10 19.09
N SER B 582 23.48 15.13 19.77
CA SER B 582 24.89 15.09 20.06
C SER B 582 25.26 14.11 21.16
N LEU B 583 24.31 13.76 22.03
CA LEU B 583 24.55 12.61 22.93
C LEU B 583 24.74 11.28 22.23
N PHE B 584 24.26 11.17 20.97
CA PHE B 584 24.50 9.96 20.15
C PHE B 584 25.83 9.98 19.38
N GLY B 585 26.59 11.08 19.51
CA GLY B 585 27.99 11.16 19.00
C GLY B 585 28.33 12.50 18.33
N THR B 586 29.58 12.94 18.41
CA THR B 586 29.94 14.24 17.85
C THR B 586 30.85 14.13 16.62
N GLU B 587 31.49 13.00 16.40
CA GLU B 587 32.39 12.87 15.24
C GLU B 587 31.68 12.31 14.02
N ASP B 588 30.98 11.20 14.22
CA ASP B 588 30.33 10.46 13.15
C ASP B 588 28.88 10.94 13.11
N LEU B 589 28.63 12.13 12.59
CA LEU B 589 27.30 12.74 12.68
C LEU B 589 26.27 11.92 11.92
N GLU B 590 26.71 11.29 10.84
CA GLU B 590 25.84 10.42 10.08
C GLU B 590 25.34 9.23 10.92
N SER B 591 26.24 8.42 11.48
CA SER B 591 25.83 7.33 12.41
C SER B 591 24.98 7.78 13.62
N ALA B 592 25.34 8.90 14.23
CA ALA B 592 24.62 9.42 15.38
C ALA B 592 23.17 9.70 14.98
N ASP B 593 23.00 10.19 13.77
CA ASP B 593 21.71 10.57 13.24
C ASP B 593 20.88 9.33 12.98
N TYR B 594 21.52 8.26 12.47
CA TYR B 594 20.79 7.01 12.31
C TYR B 594 20.39 6.44 13.65
N ARG B 595 21.33 6.38 14.61
CA ARG B 595 21.06 5.92 15.99
C ARG B 595 19.96 6.73 16.65
N ALA B 596 20.01 8.05 16.55
CA ALA B 596 18.95 8.88 17.10
C ALA B 596 17.56 8.64 16.43
N CYS B 597 17.52 8.57 15.09
CA CYS B 597 16.23 8.35 14.42
C CYS B 597 15.71 6.95 14.72
N GLN B 598 16.62 5.98 14.76
CA GLN B 598 16.26 4.60 15.08
C GLN B 598 15.62 4.52 16.47
N LEU B 599 16.24 5.14 17.48
CA LEU B 599 15.76 5.03 18.83
C LEU B 599 14.46 5.82 19.09
N LEU B 600 14.41 7.07 18.68
CA LEU B 600 13.22 7.90 18.93
C LEU B 600 12.09 7.44 18.03
N GLY B 601 12.40 7.06 16.80
CA GLY B 601 11.37 6.56 15.89
C GLY B 601 10.48 7.69 15.39
N PRO B 602 9.47 7.34 14.58
CA PRO B 602 8.64 8.42 14.03
C PRO B 602 7.76 9.03 15.11
N LEU B 603 7.32 10.28 14.88
CA LEU B 603 6.44 11.03 15.79
C LEU B 603 5.16 10.32 16.19
N HIS B 604 4.46 9.73 15.22
CA HIS B 604 3.11 9.23 15.45
C HIS B 604 3.04 7.70 15.32
N LYS B 605 3.97 6.97 15.94
CA LYS B 605 3.89 5.53 16.01
C LYS B 605 3.19 5.12 17.27
MN MN C . -18.65 -6.48 1.13
C1 FOC D . -18.61 -3.70 2.52
O1 FOC D . -18.04 -5.00 2.40
C2 FOC D . -19.68 -3.62 1.44
O2 FOC D . -20.32 -4.89 1.38
C3 FOC D . -20.73 -2.54 1.73
O3 FOC D . -21.47 -2.91 2.88
C4 FOC D . -21.74 -2.55 0.60
O4 FOC D . -21.05 -2.91 -0.60
C5 FOC D . -22.40 -1.20 0.43
O5 FOC D . -21.42 -0.40 -0.24
C6 FOC D . -23.65 -1.38 -0.43
C1 EDO E . 2.79 -7.61 7.30
O1 EDO E . 2.85 -6.80 8.48
C2 EDO E . 4.21 -7.63 6.77
O2 EDO E . 4.65 -8.98 6.63
C1 EDO F . -17.84 -6.12 16.26
O1 EDO F . -16.78 -6.33 15.30
C2 EDO F . -17.28 -5.42 17.49
O2 EDO F . -16.19 -6.17 18.01
C1 EDO G . -7.36 -25.60 21.79
O1 EDO G . -8.32 -24.56 21.53
C2 EDO G . -6.02 -24.99 22.18
O2 EDO G . -5.56 -25.76 23.30
C1 EDO H . -18.80 -31.49 14.53
O1 EDO H . -19.55 -32.07 13.46
C2 EDO H . -19.59 -30.23 14.83
O2 EDO H . -20.79 -30.73 15.40
C1 EDO I . -27.91 8.01 -15.90
O1 EDO I . -28.17 8.81 -14.74
C2 EDO I . -29.10 7.10 -15.81
O2 EDO I . -29.68 7.67 -14.62
MN MN J . 9.57 9.24 -14.77
C1 FOC K . 10.01 6.47 -15.59
O1 FOC K . 9.81 7.32 -14.46
C2 FOC K . 9.21 7.06 -16.75
O2 FOC K . 9.58 8.43 -16.96
C3 FOC K . 9.43 6.23 -18.00
O3 FOC K . 10.84 6.00 -18.11
C4 FOC K . 8.88 6.94 -19.25
O4 FOC K . 7.56 7.41 -18.96
C5 FOC K . 8.72 5.98 -20.40
O5 FOC K . 7.70 5.07 -20.00
C6 FOC K . 8.24 6.75 -21.62
C1 EDO L . 18.13 15.23 9.88
O1 EDO L . 19.43 15.79 9.85
C2 EDO L . 18.10 14.17 10.96
O2 EDO L . 17.30 13.06 10.59
C1 EDO M . -1.11 12.21 14.25
O1 EDO M . -1.00 12.54 15.65
C2 EDO M . -2.31 12.96 13.74
O2 EDO M . -1.95 14.34 13.83
C1 EDO N . -13.03 4.36 -17.05
O1 EDO N . -13.02 3.05 -16.52
C2 EDO N . -11.60 4.75 -17.42
O2 EDO N . -11.45 6.16 -17.34
C1 EDO O . 7.66 1.93 7.44
O1 EDO O . 8.32 2.51 6.34
C2 EDO O . 7.61 2.92 8.59
O2 EDO O . 6.73 3.97 8.18
C1 EDO P . 22.59 3.43 -10.69
O1 EDO P . 21.42 3.87 -10.01
C2 EDO P . 23.72 3.43 -9.68
O2 EDO P . 23.81 2.18 -9.01
C1 EDO Q . 22.79 27.20 11.04
O1 EDO Q . 21.80 26.16 11.09
C2 EDO Q . 23.76 27.21 12.21
O2 EDO Q . 24.43 25.93 12.36
C1 EDO R . 18.61 8.24 -12.50
O1 EDO R . 17.75 7.36 -13.26
C2 EDO R . 18.43 8.19 -10.98
O2 EDO R . 19.59 7.68 -10.30
C1 EDO S . 30.74 25.41 0.81
O1 EDO S . 31.02 25.80 2.18
C2 EDO S . 29.38 24.72 0.62
O2 EDO S . 28.23 25.60 0.79
C1 EDO T . 9.12 33.10 2.65
O1 EDO T . 7.94 32.82 1.88
C2 EDO T . 8.83 33.12 4.15
O2 EDO T . 8.22 31.89 4.59
C1 EDO U . 29.35 28.87 4.36
O1 EDO U . 28.23 27.95 4.44
C2 EDO U . 29.59 29.49 5.74
O2 EDO U . 28.59 29.00 6.66
C1 EDO V . -5.73 3.97 -32.17
O1 EDO V . -6.73 4.95 -32.36
C2 EDO V . -5.23 3.73 -33.57
O2 EDO V . -4.40 4.86 -33.84
#